data_1NY5
#
_entry.id   1NY5
#
_cell.length_a   94.765
_cell.length_b   94.765
_cell.length_c   195.010
_cell.angle_alpha   90.00
_cell.angle_beta   90.00
_cell.angle_gamma   120.00
#
_symmetry.space_group_name_H-M   'P 32 2 1'
#
loop_
_entity.id
_entity.type
_entity.pdbx_description
1 polymer 'transcriptional regulator (NtrC family)'
2 non-polymer 'MAGNESIUM ION'
3 non-polymer 'PHOSPHATE ION'
4 non-polymer "ADENOSINE-5'-DIPHOSPHATE"
5 non-polymer GLYCEROL
6 water water
#
_entity_poly.entity_id   1
_entity_poly.type   'polypeptide(L)'
_entity_poly.pdbx_seq_one_letter_code
;MNVLVIEDDKVFRGLLEEYLSMKGIKVESAERGKEAYKLLSEKHFNVVLLDLLLPDVNGLEILKWIKERSPETEVIVITG
HGTIKTAVEAMKMGAYDFLTKPCMLEEIELTINKAIEHRKLRKENELLRREKDLKEEEYVFESPKMKEILEKIKKISCAE
CPVLITGESGVGKEVVARLIHKLSDRSKEPFVALNVASIPRDIFEAELFGYEKGAFTGAVSSKEGFFELADGGTLFLDEI
GELSLEAQAKLLRVIESGKFYRLGGRKEIEVNVRILAATNRNIKELVKEGKFREDLYYRLGVIEIEIPPLRERKEDIIPL
ANHFLKKFSRKYAKEVEGFTKSAQELLLSYPWYGNVRELKNVIERAVLFSEGKFIDRGELSCLVNSK
;
_entity_poly.pdbx_strand_id   A,B
#
loop_
_chem_comp.id
_chem_comp.type
_chem_comp.name
_chem_comp.formula
ADP non-polymer ADENOSINE-5'-DIPHOSPHATE 'C10 H15 N5 O10 P2'
GOL non-polymer GLYCEROL 'C3 H8 O3'
MG non-polymer 'MAGNESIUM ION' 'Mg 2'
PO4 non-polymer 'PHOSPHATE ION' 'O4 P -3'
#
# COMPACT_ATOMS: atom_id res chain seq x y z
N MET A 1 12.77 -1.34 20.04
CA MET A 1 13.85 -1.23 19.04
C MET A 1 15.22 -1.44 19.68
N ASN A 2 16.06 -2.25 19.04
CA ASN A 2 17.38 -2.52 19.55
C ASN A 2 18.46 -1.71 18.84
N VAL A 3 19.29 -1.03 19.61
CA VAL A 3 20.38 -0.23 19.08
C VAL A 3 21.69 -0.68 19.72
N LEU A 4 22.79 -0.55 18.99
CA LEU A 4 24.11 -0.92 19.49
C LEU A 4 25.06 0.26 19.35
N VAL A 5 25.65 0.69 20.47
CA VAL A 5 26.60 1.80 20.46
C VAL A 5 28.01 1.23 20.51
N ILE A 6 28.87 1.71 19.61
CA ILE A 6 30.27 1.27 19.53
C ILE A 6 31.14 2.51 19.58
N GLU A 7 31.38 3.00 20.80
CA GLU A 7 32.18 4.20 21.01
C GLU A 7 33.24 3.96 22.07
N ASP A 8 34.47 4.42 21.81
CA ASP A 8 35.57 4.26 22.75
C ASP A 8 35.65 5.46 23.69
N ASP A 9 35.30 6.63 23.16
CA ASP A 9 35.31 7.86 23.93
C ASP A 9 34.25 7.70 25.03
N LYS A 10 34.65 7.90 26.28
CA LYS A 10 33.71 7.73 27.39
C LYS A 10 32.64 8.79 27.49
N VAL A 11 32.98 10.03 27.18
CA VAL A 11 32.01 11.11 27.25
C VAL A 11 30.95 11.03 26.15
N PHE A 12 31.37 10.81 24.91
CA PHE A 12 30.42 10.74 23.81
C PHE A 12 29.49 9.54 23.94
N ARG A 13 30.04 8.39 24.33
CA ARG A 13 29.22 7.21 24.49
C ARG A 13 28.15 7.51 25.55
N GLY A 14 28.46 8.41 26.47
CA GLY A 14 27.52 8.77 27.50
C GLY A 14 26.34 9.54 26.92
N LEU A 15 26.64 10.49 26.05
CA LEU A 15 25.61 11.29 25.42
C LEU A 15 24.64 10.43 24.63
N LEU A 16 25.18 9.55 23.80
CA LEU A 16 24.38 8.65 22.98
C LEU A 16 23.50 7.75 23.83
N GLU A 17 24.04 7.30 24.96
CA GLU A 17 23.33 6.42 25.88
C GLU A 17 22.21 7.22 26.54
N GLU A 18 22.51 8.46 26.86
CA GLU A 18 21.54 9.33 27.50
C GLU A 18 20.39 9.57 26.54
N TYR A 19 20.71 9.99 25.32
CA TYR A 19 19.66 10.25 24.36
C TYR A 19 18.80 9.01 24.14
N LEU A 20 19.44 7.88 23.91
CA LEU A 20 18.70 6.64 23.69
C LEU A 20 17.85 6.32 24.91
N SER A 21 18.32 6.76 26.08
CA SER A 21 17.59 6.53 27.33
C SER A 21 16.35 7.43 27.38
N MET A 22 16.56 8.70 27.06
CA MET A 22 15.50 9.70 27.04
C MET A 22 14.40 9.26 26.07
N LYS A 23 14.76 8.46 25.08
CA LYS A 23 13.81 7.99 24.07
C LYS A 23 13.15 6.66 24.41
N GLY A 24 13.73 5.91 25.33
CA GLY A 24 13.16 4.62 25.71
C GLY A 24 13.57 3.53 24.75
N ILE A 25 14.79 3.62 24.24
CA ILE A 25 15.32 2.65 23.31
C ILE A 25 16.33 1.74 24.00
N LYS A 26 16.15 0.42 23.85
CA LYS A 26 17.07 -0.55 24.44
C LYS A 26 18.47 -0.33 23.89
N VAL A 27 19.45 -0.22 24.78
CA VAL A 27 20.83 0.02 24.36
C VAL A 27 21.82 -1.05 24.85
N GLU A 28 22.88 -1.21 24.08
CA GLU A 28 23.97 -2.14 24.38
C GLU A 28 25.24 -1.50 23.88
N SER A 29 26.33 -1.69 24.61
CA SER A 29 27.61 -1.09 24.24
C SER A 29 28.78 -2.02 24.00
N ALA A 30 29.81 -1.45 23.37
CA ALA A 30 31.06 -2.13 23.05
C ALA A 30 32.11 -1.02 23.00
N GLU A 31 33.29 -1.29 23.54
CA GLU A 31 34.35 -0.29 23.53
C GLU A 31 35.44 -0.66 22.55
N ARG A 32 35.52 -1.93 22.19
CA ARG A 32 36.52 -2.41 21.23
C ARG A 32 35.84 -3.19 20.11
N GLY A 33 36.38 -3.05 18.91
CA GLY A 33 35.83 -3.72 17.75
C GLY A 33 35.45 -5.19 17.91
N LYS A 34 36.31 -5.97 18.57
CA LYS A 34 36.03 -7.38 18.74
C LYS A 34 34.84 -7.66 19.68
N GLU A 35 34.53 -6.72 20.56
CA GLU A 35 33.41 -6.88 21.48
C GLU A 35 32.13 -6.61 20.69
N ALA A 36 32.25 -5.69 19.73
CA ALA A 36 31.13 -5.33 18.87
C ALA A 36 30.75 -6.56 18.06
N TYR A 37 31.76 -7.26 17.53
CA TYR A 37 31.51 -8.45 16.75
C TYR A 37 30.73 -9.51 17.50
N LYS A 38 31.05 -9.71 18.77
CA LYS A 38 30.35 -10.71 19.57
C LYS A 38 28.87 -10.37 19.66
N LEU A 39 28.58 -9.17 20.15
CA LEU A 39 27.20 -8.68 20.28
C LEU A 39 26.48 -8.75 18.94
N LEU A 40 27.12 -8.28 17.88
CA LEU A 40 26.52 -8.31 16.55
C LEU A 40 26.13 -9.72 16.10
N SER A 41 26.77 -10.73 16.67
CA SER A 41 26.47 -12.11 16.30
C SER A 41 25.32 -12.65 17.14
N GLU A 42 25.15 -12.06 18.31
CA GLU A 42 24.10 -12.47 19.24
C GLU A 42 22.73 -11.89 18.88
N LYS A 43 22.66 -10.57 18.78
CA LYS A 43 21.40 -9.90 18.49
C LYS A 43 21.33 -9.24 17.13
N HIS A 44 20.09 -9.00 16.69
CA HIS A 44 19.83 -8.34 15.42
C HIS A 44 19.52 -6.89 15.76
N PHE A 45 20.51 -6.00 15.62
CA PHE A 45 20.27 -4.60 15.93
C PHE A 45 19.63 -3.87 14.76
N ASN A 46 18.76 -2.92 15.08
CA ASN A 46 18.06 -2.14 14.07
C ASN A 46 18.92 -0.95 13.65
N VAL A 47 19.59 -0.35 14.62
CA VAL A 47 20.44 0.80 14.36
C VAL A 47 21.75 0.63 15.11
N VAL A 48 22.84 1.02 14.47
CA VAL A 48 24.15 0.92 15.08
C VAL A 48 24.95 2.21 14.93
N LEU A 49 25.44 2.75 16.05
CA LEU A 49 26.27 3.95 16.02
C LEU A 49 27.67 3.37 16.07
N LEU A 50 28.43 3.55 14.99
CA LEU A 50 29.77 3.00 14.89
C LEU A 50 30.84 4.06 14.76
N ASP A 51 31.71 4.15 15.76
CA ASP A 51 32.79 5.12 15.74
C ASP A 51 33.84 4.60 14.76
N LEU A 52 34.37 5.49 13.92
CA LEU A 52 35.35 5.08 12.92
C LEU A 52 36.73 4.78 13.53
N LEU A 53 37.14 5.56 14.52
CA LEU A 53 38.43 5.33 15.16
C LEU A 53 38.36 4.47 16.42
N LEU A 54 38.71 3.20 16.27
CA LEU A 54 38.72 2.27 17.39
C LEU A 54 40.16 1.81 17.59
N PRO A 55 40.60 1.63 18.85
CA PRO A 55 41.97 1.20 19.16
C PRO A 55 42.49 0.02 18.34
N ASP A 56 41.79 -1.10 18.42
CA ASP A 56 42.19 -2.31 17.71
C ASP A 56 41.75 -2.41 16.24
N VAL A 57 40.51 -2.04 15.95
CA VAL A 57 39.99 -2.14 14.59
C VAL A 57 39.67 -0.79 13.95
N ASN A 58 39.44 -0.82 12.64
CA ASN A 58 39.06 0.38 11.89
C ASN A 58 37.55 0.28 11.68
N GLY A 59 36.84 1.36 11.98
CA GLY A 59 35.40 1.38 11.82
C GLY A 59 34.93 0.80 10.50
N LEU A 60 35.45 1.32 9.40
CA LEU A 60 35.10 0.88 8.06
C LEU A 60 34.95 -0.64 7.97
N GLU A 61 35.80 -1.35 8.69
CA GLU A 61 35.77 -2.80 8.70
C GLU A 61 34.43 -3.33 9.20
N ILE A 62 33.99 -2.82 10.34
CA ILE A 62 32.72 -3.25 10.92
C ILE A 62 31.55 -2.86 10.02
N LEU A 63 31.65 -1.66 9.43
CA LEU A 63 30.62 -1.14 8.55
C LEU A 63 30.31 -2.12 7.42
N LYS A 64 31.35 -2.63 6.77
CA LYS A 64 31.19 -3.57 5.67
C LYS A 64 30.61 -4.90 6.12
N TRP A 65 30.94 -5.30 7.34
CA TRP A 65 30.45 -6.55 7.90
C TRP A 65 28.92 -6.44 8.05
N ILE A 66 28.49 -5.35 8.68
CA ILE A 66 27.07 -5.11 8.91
C ILE A 66 26.28 -4.98 7.61
N LYS A 67 26.73 -4.12 6.71
CA LYS A 67 26.02 -3.92 5.45
C LYS A 67 25.85 -5.20 4.64
N GLU A 68 26.72 -6.18 4.88
CA GLU A 68 26.65 -7.44 4.17
C GLU A 68 25.81 -8.47 4.91
N ARG A 69 26.02 -8.60 6.22
CA ARG A 69 25.29 -9.55 7.04
C ARG A 69 23.81 -9.19 7.10
N SER A 70 23.50 -8.06 7.75
CA SER A 70 22.13 -7.58 7.88
C SER A 70 22.00 -6.17 7.31
N PRO A 71 21.68 -6.08 6.01
CA PRO A 71 21.51 -4.80 5.29
C PRO A 71 20.37 -3.97 5.88
N GLU A 72 19.45 -4.68 6.53
CA GLU A 72 18.28 -4.13 7.21
C GLU A 72 18.68 -3.15 8.31
N THR A 73 19.92 -3.26 8.79
CA THR A 73 20.41 -2.39 9.85
C THR A 73 20.90 -1.00 9.44
N GLU A 74 20.29 0.03 10.02
CA GLU A 74 20.67 1.42 9.75
C GLU A 74 21.98 1.70 10.47
N VAL A 75 23.01 2.13 9.76
CA VAL A 75 24.26 2.39 10.45
C VAL A 75 24.66 3.85 10.41
N ILE A 76 24.86 4.44 11.57
CA ILE A 76 25.27 5.83 11.68
C ILE A 76 26.71 5.80 12.16
N VAL A 77 27.58 6.45 11.39
CA VAL A 77 29.01 6.50 11.68
C VAL A 77 29.41 7.74 12.48
N ILE A 78 30.39 7.58 13.38
CA ILE A 78 30.88 8.68 14.22
C ILE A 78 32.32 9.05 13.84
N THR A 79 32.65 10.34 13.94
CA THR A 79 33.99 10.79 13.60
C THR A 79 34.35 12.13 14.23
N GLY A 80 35.64 12.30 14.52
CA GLY A 80 36.13 13.53 15.12
C GLY A 80 35.99 14.75 14.24
N HIS A 81 36.34 15.92 14.76
CA HIS A 81 36.24 17.17 14.02
C HIS A 81 37.21 17.26 12.84
N GLY A 82 36.80 17.98 11.80
CA GLY A 82 37.63 18.15 10.62
C GLY A 82 38.09 16.86 9.97
N THR A 83 37.37 15.76 10.21
CA THR A 83 37.75 14.47 9.63
C THR A 83 36.68 14.00 8.65
N ILE A 84 35.88 14.97 8.18
CA ILE A 84 34.80 14.71 7.24
C ILE A 84 35.11 13.67 6.15
N LYS A 85 36.29 13.76 5.54
CA LYS A 85 36.64 12.86 4.45
C LYS A 85 36.48 11.37 4.74
N THR A 86 36.78 10.94 5.95
CA THR A 86 36.64 9.53 6.28
C THR A 86 35.15 9.17 6.40
N ALA A 87 34.36 10.12 6.89
CA ALA A 87 32.92 9.92 7.05
C ALA A 87 32.20 9.84 5.70
N VAL A 88 32.66 10.64 4.74
CA VAL A 88 32.06 10.64 3.41
C VAL A 88 32.22 9.29 2.74
N GLU A 89 33.39 8.68 2.90
CA GLU A 89 33.63 7.37 2.30
C GLU A 89 32.77 6.35 3.03
N ALA A 90 32.61 6.55 4.33
CA ALA A 90 31.79 5.65 5.14
C ALA A 90 30.38 5.58 4.56
N MET A 91 29.83 6.74 4.20
CA MET A 91 28.49 6.79 3.63
C MET A 91 28.53 6.17 2.25
N LYS A 92 29.69 6.27 1.62
CA LYS A 92 29.87 5.73 0.29
C LYS A 92 29.85 4.20 0.31
N MET A 93 29.86 3.62 1.51
CA MET A 93 29.84 2.16 1.64
C MET A 93 28.53 1.62 2.18
N GLY A 94 27.62 2.52 2.54
CA GLY A 94 26.34 2.07 3.05
C GLY A 94 25.94 2.72 4.37
N ALA A 95 26.81 3.56 4.91
CA ALA A 95 26.48 4.23 6.15
C ALA A 95 25.38 5.22 5.83
N TYR A 96 24.33 5.25 6.66
CA TYR A 96 23.22 6.15 6.42
C TYR A 96 23.55 7.62 6.64
N ASP A 97 24.28 7.88 7.72
CA ASP A 97 24.66 9.25 8.06
C ASP A 97 25.86 9.14 8.97
N PHE A 98 26.27 10.27 9.55
CA PHE A 98 27.38 10.29 10.48
C PHE A 98 27.20 11.43 11.48
N LEU A 99 27.91 11.33 12.59
CA LEU A 99 27.89 12.35 13.63
C LEU A 99 29.30 12.86 13.79
N THR A 100 29.46 13.95 14.50
CA THR A 100 30.78 14.50 14.74
C THR A 100 30.96 14.60 16.24
N LYS A 101 31.92 13.84 16.75
CA LYS A 101 32.24 13.78 18.16
C LYS A 101 33.18 14.96 18.44
N PRO A 102 32.75 15.94 19.26
CA PRO A 102 31.46 16.08 19.94
C PRO A 102 30.43 16.93 19.19
N CYS A 103 29.22 17.03 19.76
CA CYS A 103 28.15 17.81 19.15
C CYS A 103 27.00 17.98 20.15
N MET A 104 26.02 18.82 19.79
CA MET A 104 24.89 19.04 20.68
C MET A 104 24.10 17.76 20.80
N LEU A 105 23.40 17.59 21.92
CA LEU A 105 22.59 16.40 22.13
C LEU A 105 21.45 16.46 21.09
N GLU A 106 21.02 17.67 20.76
CA GLU A 106 19.95 17.89 19.79
C GLU A 106 20.36 17.38 18.42
N GLU A 107 21.63 17.57 18.09
CA GLU A 107 22.21 17.15 16.84
C GLU A 107 22.12 15.62 16.75
N ILE A 108 22.40 14.96 17.87
CA ILE A 108 22.32 13.51 17.95
C ILE A 108 20.86 13.08 17.75
N GLU A 109 19.94 13.81 18.38
CA GLU A 109 18.53 13.51 18.27
C GLU A 109 18.02 13.57 16.83
N LEU A 110 18.27 14.69 16.16
CA LEU A 110 17.85 14.90 14.78
C LEU A 110 18.40 13.83 13.84
N THR A 111 19.67 13.52 13.98
CA THR A 111 20.29 12.53 13.12
C THR A 111 19.70 11.15 13.39
N ILE A 112 19.65 10.75 14.65
CA ILE A 112 19.10 9.45 14.97
C ILE A 112 17.63 9.34 14.55
N ASN A 113 16.87 10.42 14.73
CA ASN A 113 15.48 10.40 14.34
C ASN A 113 15.35 10.17 12.83
N LYS A 114 16.11 10.91 12.03
CA LYS A 114 16.05 10.72 10.59
C LYS A 114 16.35 9.26 10.20
N ALA A 115 17.27 8.61 10.93
CA ALA A 115 17.61 7.21 10.64
C ALA A 115 16.48 6.30 11.08
N ILE A 116 15.76 6.67 12.13
CA ILE A 116 14.63 5.86 12.59
C ILE A 116 13.46 6.02 11.62
N GLU A 117 13.34 7.22 11.04
CA GLU A 117 12.29 7.51 10.09
C GLU A 117 12.57 6.75 8.80
N HIS A 118 13.85 6.72 8.42
CA HIS A 118 14.23 6.02 7.21
C HIS A 118 13.83 4.55 7.35
N ARG A 119 14.17 3.93 8.48
CA ARG A 119 13.81 2.53 8.70
C ARG A 119 12.29 2.34 8.69
N LYS A 120 11.59 3.24 9.37
CA LYS A 120 10.13 3.16 9.44
C LYS A 120 9.46 3.20 8.06
N LEU A 121 9.90 4.13 7.21
CA LEU A 121 9.33 4.25 5.87
C LEU A 121 9.65 3.04 5.02
N ARG A 122 10.89 2.54 5.15
CA ARG A 122 11.37 1.38 4.40
C ARG A 122 10.47 0.16 4.67
N LYS A 123 10.35 -0.18 5.94
CA LYS A 123 9.54 -1.32 6.35
C LYS A 123 8.06 -1.14 6.01
N GLU A 124 7.50 0.06 6.21
CA GLU A 124 6.09 0.29 5.89
C GLU A 124 5.85 0.06 4.41
N ASN A 125 6.73 0.62 3.60
CA ASN A 125 6.59 0.46 2.17
C ASN A 125 6.77 -0.99 1.72
N GLU A 126 7.67 -1.73 2.37
CA GLU A 126 7.87 -3.12 2.02
C GLU A 126 6.60 -3.91 2.34
N LEU A 127 6.05 -3.62 3.50
CA LEU A 127 4.84 -4.27 3.97
C LEU A 127 3.61 -3.99 3.09
N LEU A 128 3.34 -2.72 2.81
CA LEU A 128 2.18 -2.36 1.99
C LEU A 128 2.33 -2.95 0.60
N ARG A 129 3.57 -2.99 0.11
CA ARG A 129 3.86 -3.53 -1.21
C ARG A 129 3.60 -5.04 -1.20
N ARG A 130 4.08 -5.72 -0.18
CA ARG A 130 3.89 -7.16 -0.08
C ARG A 130 2.42 -7.55 0.15
N GLU A 131 1.65 -6.70 0.83
CA GLU A 131 0.25 -7.02 1.04
C GLU A 131 -0.47 -6.93 -0.31
N LYS A 132 0.07 -6.10 -1.20
CA LYS A 132 -0.50 -5.92 -2.53
C LYS A 132 -0.11 -7.11 -3.42
N ASP A 133 1.14 -7.54 -3.35
CA ASP A 133 1.59 -8.67 -4.16
C ASP A 133 0.76 -9.89 -3.81
N LEU A 134 0.37 -9.98 -2.55
CA LEU A 134 -0.46 -11.10 -2.09
C LEU A 134 -1.77 -11.21 -2.87
N LYS A 135 -2.29 -10.08 -3.33
CA LYS A 135 -3.55 -10.09 -4.08
C LYS A 135 -3.38 -10.14 -5.59
N GLU A 136 -2.19 -10.51 -6.06
CA GLU A 136 -1.95 -10.60 -7.49
C GLU A 136 -2.74 -11.78 -8.05
N GLU A 137 -3.39 -11.59 -9.19
CA GLU A 137 -4.13 -12.66 -9.81
C GLU A 137 -3.35 -13.14 -11.03
N GLU A 138 -3.54 -14.39 -11.41
CA GLU A 138 -2.98 -14.92 -12.63
C GLU A 138 -4.03 -14.66 -13.66
N TYR A 139 -3.67 -14.17 -14.84
CA TYR A 139 -4.70 -13.87 -15.82
C TYR A 139 -4.81 -14.87 -16.96
N VAL A 140 -6.04 -15.25 -17.28
CA VAL A 140 -6.31 -16.22 -18.34
C VAL A 140 -6.54 -15.59 -19.69
N PHE A 141 -5.71 -15.91 -20.67
CA PHE A 141 -5.86 -15.37 -22.02
C PHE A 141 -5.75 -16.47 -23.07
N GLU A 142 -6.78 -17.30 -23.18
CA GLU A 142 -6.76 -18.42 -24.11
C GLU A 142 -7.35 -18.16 -25.49
N SER A 143 -8.50 -17.49 -25.56
CA SER A 143 -9.13 -17.25 -26.85
C SER A 143 -8.16 -16.57 -27.82
N PRO A 144 -8.33 -16.81 -29.13
CA PRO A 144 -7.44 -16.18 -30.11
C PRO A 144 -7.63 -14.65 -30.14
N LYS A 145 -8.82 -14.19 -29.76
CA LYS A 145 -9.13 -12.77 -29.71
C LYS A 145 -8.22 -12.11 -28.68
N MET A 146 -8.19 -12.67 -27.47
CA MET A 146 -7.35 -12.15 -26.41
C MET A 146 -5.88 -12.36 -26.71
N LYS A 147 -5.59 -13.45 -27.41
CA LYS A 147 -4.22 -13.77 -27.80
C LYS A 147 -3.66 -12.63 -28.64
N GLU A 148 -4.43 -12.16 -29.61
CA GLU A 148 -3.93 -11.08 -30.44
C GLU A 148 -3.90 -9.73 -29.73
N ILE A 149 -4.77 -9.55 -28.75
CA ILE A 149 -4.77 -8.28 -28.01
C ILE A 149 -3.50 -8.25 -27.18
N LEU A 150 -3.14 -9.40 -26.61
CA LEU A 150 -1.93 -9.50 -25.83
C LEU A 150 -0.77 -9.06 -26.71
N GLU A 151 -0.79 -9.49 -27.96
CA GLU A 151 0.27 -9.11 -28.91
C GLU A 151 0.24 -7.62 -29.19
N LYS A 152 -0.95 -7.05 -29.36
CA LYS A 152 -1.06 -5.61 -29.63
C LYS A 152 -0.52 -4.83 -28.44
N ILE A 153 -0.90 -5.26 -27.23
CA ILE A 153 -0.45 -4.61 -26.00
C ILE A 153 1.07 -4.48 -26.01
N LYS A 154 1.74 -5.60 -26.26
CA LYS A 154 3.19 -5.63 -26.30
C LYS A 154 3.77 -4.54 -27.20
N LYS A 155 3.21 -4.38 -28.39
CA LYS A 155 3.70 -3.35 -29.29
C LYS A 155 3.35 -1.94 -28.78
N ILE A 156 2.38 -1.87 -27.87
CA ILE A 156 1.92 -0.60 -27.32
C ILE A 156 2.64 -0.08 -26.09
N SER A 157 2.81 -0.93 -25.09
CA SER A 157 3.47 -0.57 -23.85
C SER A 157 4.80 0.16 -24.04
N CYS A 158 5.34 0.11 -25.25
CA CYS A 158 6.60 0.76 -25.54
C CYS A 158 6.40 2.22 -25.97
N ALA A 159 5.14 2.63 -26.03
CA ALA A 159 4.79 3.99 -26.40
C ALA A 159 4.47 4.71 -25.10
N GLU A 160 4.39 6.03 -25.16
CA GLU A 160 4.13 6.82 -23.97
C GLU A 160 2.81 7.58 -24.08
N CYS A 161 2.21 7.52 -25.26
CA CYS A 161 0.94 8.23 -25.46
C CYS A 161 -0.19 7.54 -24.74
N PRO A 162 -1.29 8.26 -24.50
CA PRO A 162 -2.42 7.64 -23.81
C PRO A 162 -3.07 6.52 -24.60
N VAL A 163 -3.83 5.69 -23.89
CA VAL A 163 -4.54 4.56 -24.48
C VAL A 163 -5.98 4.53 -23.97
N LEU A 164 -6.94 4.47 -24.90
CA LEU A 164 -8.36 4.39 -24.54
C LEU A 164 -8.81 2.94 -24.68
N ILE A 165 -9.11 2.31 -23.55
CA ILE A 165 -9.56 0.93 -23.51
C ILE A 165 -11.08 0.91 -23.42
N THR A 166 -11.74 0.28 -24.39
CA THR A 166 -13.20 0.23 -24.42
C THR A 166 -13.69 -1.21 -24.36
N GLY A 167 -14.96 -1.38 -24.02
CA GLY A 167 -15.55 -2.72 -23.93
C GLY A 167 -16.64 -2.75 -22.88
N GLU A 168 -17.51 -3.75 -22.96
CA GLU A 168 -18.61 -3.91 -22.02
C GLU A 168 -18.07 -4.03 -20.61
N SER A 169 -18.95 -3.91 -19.61
CA SER A 169 -18.49 -4.00 -18.24
C SER A 169 -18.09 -5.43 -17.86
N GLY A 170 -17.09 -5.54 -16.99
CA GLY A 170 -16.62 -6.85 -16.54
C GLY A 170 -15.84 -7.64 -17.57
N VAL A 171 -15.46 -6.95 -18.63
CA VAL A 171 -14.75 -7.53 -19.74
C VAL A 171 -13.25 -7.67 -19.50
N GLY A 172 -12.70 -6.87 -18.59
CA GLY A 172 -11.28 -6.95 -18.30
C GLY A 172 -10.47 -5.74 -18.75
N LYS A 173 -11.12 -4.59 -18.85
CA LYS A 173 -10.41 -3.38 -19.28
C LYS A 173 -9.33 -3.00 -18.27
N GLU A 174 -9.63 -3.17 -16.98
CA GLU A 174 -8.64 -2.83 -15.97
C GLU A 174 -7.49 -3.85 -15.99
N VAL A 175 -7.82 -5.12 -16.23
CA VAL A 175 -6.80 -6.14 -16.29
C VAL A 175 -5.84 -5.78 -17.41
N VAL A 176 -6.41 -5.30 -18.53
CA VAL A 176 -5.59 -4.92 -19.68
C VAL A 176 -4.72 -3.69 -19.39
N ALA A 177 -5.25 -2.73 -18.63
CA ALA A 177 -4.45 -1.56 -18.30
C ALA A 177 -3.23 -2.03 -17.47
N ARG A 178 -3.45 -2.96 -16.56
CA ARG A 178 -2.34 -3.49 -15.74
C ARG A 178 -1.28 -4.19 -16.60
N LEU A 179 -1.69 -5.00 -17.56
CA LEU A 179 -0.72 -5.67 -18.41
C LEU A 179 0.07 -4.65 -19.23
N ILE A 180 -0.62 -3.62 -19.74
CA ILE A 180 0.06 -2.59 -20.52
C ILE A 180 1.17 -2.00 -19.64
N HIS A 181 0.86 -1.79 -18.37
CA HIS A 181 1.85 -1.23 -17.47
C HIS A 181 3.02 -2.17 -17.20
N LYS A 182 2.72 -3.41 -16.86
CA LYS A 182 3.77 -4.41 -16.57
C LYS A 182 4.73 -4.63 -17.72
N LEU A 183 4.24 -4.51 -18.95
CA LEU A 183 5.09 -4.69 -20.13
C LEU A 183 5.75 -3.41 -20.60
N SER A 184 5.43 -2.27 -20.00
CA SER A 184 6.03 -1.01 -20.43
C SER A 184 7.38 -0.71 -19.81
N ASP A 185 7.91 0.47 -20.15
CA ASP A 185 9.20 0.93 -19.64
C ASP A 185 9.07 1.45 -18.21
N ARG A 186 7.84 1.68 -17.77
CA ARG A 186 7.59 2.19 -16.42
C ARG A 186 7.03 1.08 -15.54
N SER A 187 7.27 -0.18 -15.88
CA SER A 187 6.73 -1.29 -15.10
C SER A 187 7.12 -1.24 -13.64
N LYS A 188 8.29 -0.72 -13.33
CA LYS A 188 8.76 -0.65 -11.94
C LYS A 188 8.21 0.57 -11.22
N GLU A 189 7.70 1.53 -11.99
CA GLU A 189 7.11 2.76 -11.46
C GLU A 189 5.68 2.46 -10.97
N PRO A 190 5.07 3.38 -10.23
CA PRO A 190 3.72 3.06 -9.76
C PRO A 190 2.61 3.02 -10.79
N PHE A 191 1.63 2.17 -10.52
CA PHE A 191 0.46 2.04 -11.38
C PHE A 191 -0.66 2.41 -10.44
N VAL A 192 -1.43 3.44 -10.80
CA VAL A 192 -2.51 3.90 -9.95
C VAL A 192 -3.87 3.77 -10.66
N ALA A 193 -4.77 3.00 -10.07
CA ALA A 193 -6.09 2.80 -10.67
C ALA A 193 -7.17 3.55 -9.90
N LEU A 194 -7.98 4.32 -10.61
CA LEU A 194 -9.07 5.06 -9.97
C LEU A 194 -10.33 4.88 -10.80
N ASN A 195 -11.44 4.58 -10.12
CA ASN A 195 -12.70 4.43 -10.82
C ASN A 195 -13.44 5.75 -10.61
N VAL A 196 -13.57 6.54 -11.68
CA VAL A 196 -14.21 7.85 -11.59
C VAL A 196 -15.66 7.85 -11.13
N ALA A 197 -16.37 6.74 -11.36
CA ALA A 197 -17.76 6.65 -10.96
C ALA A 197 -17.93 6.34 -9.49
N SER A 198 -17.12 5.40 -8.99
CA SER A 198 -17.23 4.96 -7.61
C SER A 198 -16.91 6.02 -6.56
N ILE A 199 -16.35 7.14 -6.99
CA ILE A 199 -16.02 8.20 -6.06
C ILE A 199 -16.90 9.41 -6.34
N PRO A 200 -17.47 10.01 -5.29
CA PRO A 200 -18.31 11.19 -5.55
C PRO A 200 -17.48 12.27 -6.25
N ARG A 201 -18.09 12.91 -7.24
CA ARG A 201 -17.40 13.93 -8.04
C ARG A 201 -16.59 14.98 -7.30
N ASP A 202 -17.12 15.53 -6.20
CA ASP A 202 -16.37 16.54 -5.46
C ASP A 202 -15.12 15.92 -4.85
N ILE A 203 -15.28 14.76 -4.20
CA ILE A 203 -14.14 14.10 -3.58
C ILE A 203 -13.11 13.69 -4.66
N PHE A 204 -13.59 13.37 -5.86
CA PHE A 204 -12.70 12.94 -6.93
C PHE A 204 -11.68 13.95 -7.44
N GLU A 205 -12.15 15.09 -7.93
CA GLU A 205 -11.23 16.09 -8.45
C GLU A 205 -10.17 16.45 -7.43
N ALA A 206 -10.53 16.46 -6.15
CA ALA A 206 -9.59 16.81 -5.09
C ALA A 206 -8.54 15.73 -4.94
N GLU A 207 -8.99 14.49 -5.00
CA GLU A 207 -8.09 13.36 -4.86
C GLU A 207 -7.12 13.21 -6.02
N LEU A 208 -7.64 13.33 -7.24
CA LEU A 208 -6.81 13.18 -8.43
C LEU A 208 -5.79 14.28 -8.63
N PHE A 209 -6.23 15.53 -8.59
CA PHE A 209 -5.31 16.64 -8.80
C PHE A 209 -4.74 17.27 -7.57
N GLY A 210 -5.31 16.99 -6.41
CA GLY A 210 -4.81 17.63 -5.20
C GLY A 210 -5.47 19.00 -5.05
N TYR A 211 -5.16 19.72 -3.99
CA TYR A 211 -5.76 21.03 -3.83
C TYR A 211 -4.92 21.91 -2.94
N GLU A 212 -5.17 23.22 -3.08
CA GLU A 212 -4.49 24.23 -2.29
C GLU A 212 -5.52 24.84 -1.35
N LYS A 213 -5.08 25.24 -0.16
CA LYS A 213 -5.96 25.84 0.86
C LYS A 213 -7.02 26.78 0.29
N GLY A 214 -8.27 26.58 0.72
CA GLY A 214 -9.36 27.41 0.26
C GLY A 214 -10.07 26.89 -0.97
N ALA A 215 -9.55 25.82 -1.57
CA ALA A 215 -10.16 25.28 -2.78
C ALA A 215 -11.65 24.96 -2.56
N PHE A 216 -11.99 24.56 -1.34
CA PHE A 216 -13.37 24.22 -1.00
C PHE A 216 -13.59 24.26 0.51
N THR A 217 -14.85 24.05 0.93
CA THR A 217 -15.18 24.11 2.35
C THR A 217 -14.26 23.32 3.29
N GLY A 218 -13.53 24.05 4.13
CA GLY A 218 -12.65 23.42 5.11
C GLY A 218 -11.24 23.05 4.71
N ALA A 219 -10.96 22.96 3.41
CA ALA A 219 -9.61 22.62 2.94
C ALA A 219 -8.65 23.56 3.66
N VAL A 220 -8.19 23.12 4.84
CA VAL A 220 -7.31 23.91 5.68
C VAL A 220 -5.84 23.85 5.27
N SER A 221 -5.50 22.85 4.47
CA SER A 221 -4.13 22.72 4.01
C SER A 221 -4.10 22.40 2.53
N SER A 222 -2.90 22.35 1.97
CA SER A 222 -2.74 22.02 0.57
C SER A 222 -2.36 20.55 0.56
N LYS A 223 -2.92 19.78 -0.37
CA LYS A 223 -2.66 18.35 -0.40
C LYS A 223 -2.30 17.80 -1.78
N GLU A 224 -1.34 16.88 -1.82
CA GLU A 224 -0.93 16.25 -3.08
C GLU A 224 -2.08 15.40 -3.59
N GLY A 225 -2.10 15.18 -4.89
CA GLY A 225 -3.14 14.33 -5.48
C GLY A 225 -2.48 13.09 -6.03
N PHE A 226 -3.28 12.16 -6.53
CA PHE A 226 -2.78 10.92 -7.09
C PHE A 226 -1.87 11.14 -8.28
N PHE A 227 -2.12 12.22 -9.02
CA PHE A 227 -1.29 12.55 -10.19
C PHE A 227 0.13 12.78 -9.78
N GLU A 228 0.34 13.54 -8.71
CA GLU A 228 1.70 13.78 -8.25
C GLU A 228 2.30 12.51 -7.68
N LEU A 229 1.50 11.75 -6.94
CA LEU A 229 1.97 10.51 -6.35
C LEU A 229 2.34 9.45 -7.39
N ALA A 230 1.69 9.51 -8.55
CA ALA A 230 1.94 8.54 -9.61
C ALA A 230 3.05 8.99 -10.57
N ASP A 231 3.62 10.16 -10.30
CA ASP A 231 4.68 10.70 -11.15
C ASP A 231 5.69 9.65 -11.61
N GLY A 232 6.01 9.66 -12.89
CA GLY A 232 6.95 8.69 -13.43
C GLY A 232 6.29 7.35 -13.75
N GLY A 233 5.09 7.14 -13.21
CA GLY A 233 4.36 5.90 -13.43
C GLY A 233 3.17 5.97 -14.36
N THR A 234 2.17 5.14 -14.09
CA THR A 234 0.97 5.09 -14.92
C THR A 234 -0.31 5.32 -14.12
N LEU A 235 -1.23 6.07 -14.72
CA LEU A 235 -2.51 6.36 -14.10
C LEU A 235 -3.64 5.80 -14.93
N PHE A 236 -4.48 4.95 -14.32
CA PHE A 236 -5.61 4.35 -15.02
C PHE A 236 -6.93 4.96 -14.54
N LEU A 237 -7.64 5.64 -15.42
CA LEU A 237 -8.93 6.24 -15.07
C LEU A 237 -10.08 5.47 -15.72
N ASP A 238 -10.75 4.65 -14.92
CA ASP A 238 -11.88 3.86 -15.38
C ASP A 238 -13.15 4.72 -15.33
N GLU A 239 -14.09 4.46 -16.24
CA GLU A 239 -15.34 5.23 -16.29
C GLU A 239 -14.98 6.66 -16.60
N ILE A 240 -14.06 6.82 -17.55
CA ILE A 240 -13.54 8.12 -17.94
C ILE A 240 -14.64 9.10 -18.33
N GLY A 241 -15.81 8.55 -18.69
CA GLY A 241 -16.93 9.37 -19.10
C GLY A 241 -17.53 10.25 -18.01
N GLU A 242 -17.43 9.78 -16.78
CA GLU A 242 -17.96 10.50 -15.62
C GLU A 242 -17.12 11.71 -15.20
N LEU A 243 -16.02 11.98 -15.88
CA LEU A 243 -15.21 13.13 -15.51
C LEU A 243 -15.98 14.42 -15.70
N SER A 244 -15.84 15.34 -14.75
CA SER A 244 -16.52 16.62 -14.89
C SER A 244 -15.81 17.37 -16.02
N LEU A 245 -16.52 18.31 -16.64
CA LEU A 245 -15.93 19.08 -17.72
C LEU A 245 -14.65 19.78 -17.26
N GLU A 246 -14.62 20.20 -16.01
CA GLU A 246 -13.44 20.87 -15.47
C GLU A 246 -12.28 19.87 -15.40
N ALA A 247 -12.56 18.68 -14.88
CA ALA A 247 -11.55 17.64 -14.78
C ALA A 247 -11.01 17.29 -16.17
N GLN A 248 -11.89 17.25 -17.17
CA GLN A 248 -11.49 16.96 -18.54
C GLN A 248 -10.50 17.97 -19.06
N ALA A 249 -10.70 19.23 -18.71
CA ALA A 249 -9.80 20.31 -19.16
C ALA A 249 -8.41 20.17 -18.55
N LYS A 250 -8.35 19.84 -17.27
CA LYS A 250 -7.06 19.67 -16.61
C LYS A 250 -6.32 18.45 -17.17
N LEU A 251 -7.07 17.38 -17.40
CA LEU A 251 -6.49 16.14 -17.93
C LEU A 251 -5.91 16.46 -19.30
N LEU A 252 -6.69 17.16 -20.11
CA LEU A 252 -6.26 17.53 -21.46
C LEU A 252 -4.89 18.21 -21.41
N ARG A 253 -4.74 19.23 -20.57
CA ARG A 253 -3.48 19.94 -20.47
C ARG A 253 -2.33 19.05 -20.00
N VAL A 254 -2.61 18.16 -19.04
CA VAL A 254 -1.56 17.28 -18.58
C VAL A 254 -1.13 16.38 -19.73
N ILE A 255 -2.08 15.96 -20.55
CA ILE A 255 -1.70 15.12 -21.67
C ILE A 255 -0.89 15.93 -22.68
N GLU A 256 -1.19 17.21 -22.81
CA GLU A 256 -0.45 18.03 -23.75
C GLU A 256 0.89 18.55 -23.24
N SER A 257 1.02 18.80 -21.94
CA SER A 257 2.30 19.35 -21.48
C SER A 257 2.83 18.85 -20.16
N GLY A 258 2.13 17.91 -19.54
CA GLY A 258 2.58 17.38 -18.27
C GLY A 258 2.51 18.39 -17.13
N LYS A 259 1.75 19.46 -17.34
CA LYS A 259 1.60 20.53 -16.35
C LYS A 259 0.14 20.74 -15.96
N PHE A 260 -0.09 21.11 -14.72
CA PHE A 260 -1.45 21.38 -14.29
C PHE A 260 -1.39 22.13 -12.99
N TYR A 261 -2.54 22.63 -12.58
CA TYR A 261 -2.67 23.32 -11.35
C TYR A 261 -3.54 22.49 -10.46
N ARG A 262 -3.24 22.45 -9.17
CA ARG A 262 -4.11 21.71 -8.28
C ARG A 262 -5.46 22.41 -8.22
N LEU A 263 -6.43 21.79 -7.56
CA LEU A 263 -7.76 22.36 -7.41
C LEU A 263 -7.62 23.67 -6.62
N GLY A 264 -7.98 24.78 -7.25
CA GLY A 264 -7.87 26.08 -6.60
C GLY A 264 -6.43 26.47 -6.41
N GLY A 265 -5.56 25.95 -7.27
CA GLY A 265 -4.14 26.22 -7.14
C GLY A 265 -3.59 27.25 -8.10
N ARG A 266 -2.41 27.76 -7.76
CA ARG A 266 -1.72 28.75 -8.56
C ARG A 266 -0.24 28.38 -8.63
N LYS A 267 0.15 27.33 -7.90
CA LYS A 267 1.55 26.87 -7.90
C LYS A 267 1.62 25.69 -8.86
N GLU A 268 2.05 25.95 -10.08
CA GLU A 268 2.10 24.91 -11.09
C GLU A 268 2.90 23.65 -10.76
N ILE A 269 2.34 22.53 -11.19
CA ILE A 269 2.93 21.23 -10.98
C ILE A 269 3.26 20.61 -12.31
N GLU A 270 4.31 19.80 -12.34
CA GLU A 270 4.68 19.13 -13.57
C GLU A 270 4.97 17.67 -13.27
N VAL A 271 4.30 16.78 -13.99
CA VAL A 271 4.51 15.35 -13.78
C VAL A 271 4.72 14.64 -15.11
N ASN A 272 5.19 13.41 -15.04
CA ASN A 272 5.42 12.58 -16.22
C ASN A 272 4.62 11.32 -15.91
N VAL A 273 3.36 11.28 -16.33
CA VAL A 273 2.49 10.16 -16.04
C VAL A 273 1.80 9.61 -17.29
N ARG A 274 1.97 8.32 -17.57
CA ARG A 274 1.32 7.73 -18.75
C ARG A 274 -0.15 7.57 -18.38
N ILE A 275 -1.02 7.95 -19.29
CA ILE A 275 -2.44 7.87 -19.02
C ILE A 275 -3.13 6.78 -19.81
N LEU A 276 -3.90 5.96 -19.10
CA LEU A 276 -4.69 4.89 -19.70
C LEU A 276 -6.10 5.17 -19.21
N ALA A 277 -7.08 5.09 -20.09
CA ALA A 277 -8.46 5.33 -19.68
C ALA A 277 -9.35 4.19 -20.20
N ALA A 278 -10.46 3.97 -19.52
CA ALA A 278 -11.39 2.94 -19.92
C ALA A 278 -12.81 3.48 -19.90
N THR A 279 -13.67 2.88 -20.72
CA THR A 279 -15.07 3.25 -20.81
C THR A 279 -15.87 2.16 -21.51
N ASN A 280 -17.10 1.95 -21.04
CA ASN A 280 -18.00 0.97 -21.64
C ASN A 280 -19.06 1.74 -22.43
N ARG A 281 -18.92 3.06 -22.45
CA ARG A 281 -19.86 3.94 -23.13
C ARG A 281 -19.30 4.46 -24.43
N ASN A 282 -20.10 5.25 -25.14
CA ASN A 282 -19.67 5.79 -26.41
C ASN A 282 -19.27 7.24 -26.20
N ILE A 283 -17.98 7.52 -26.22
CA ILE A 283 -17.50 8.88 -26.00
C ILE A 283 -17.96 9.81 -27.11
N LYS A 284 -17.88 9.36 -28.36
CA LYS A 284 -18.31 10.17 -29.49
C LYS A 284 -19.69 10.77 -29.21
N GLU A 285 -20.59 9.95 -28.66
CA GLU A 285 -21.93 10.41 -28.33
C GLU A 285 -21.84 11.52 -27.31
N LEU A 286 -21.29 11.19 -26.15
CA LEU A 286 -21.13 12.15 -25.06
C LEU A 286 -20.53 13.45 -25.55
N VAL A 287 -19.72 13.38 -26.60
CA VAL A 287 -19.10 14.59 -27.14
C VAL A 287 -20.18 15.49 -27.76
N LYS A 288 -20.99 14.91 -28.63
CA LYS A 288 -22.05 15.66 -29.29
C LYS A 288 -23.02 16.26 -28.28
N GLU A 289 -23.33 15.50 -27.25
CA GLU A 289 -24.25 15.97 -26.22
C GLU A 289 -23.55 17.03 -25.38
N GLY A 290 -22.33 17.38 -25.78
CA GLY A 290 -21.55 18.39 -25.06
C GLY A 290 -21.20 18.01 -23.63
N LYS A 291 -21.14 16.71 -23.36
CA LYS A 291 -20.81 16.21 -22.03
C LYS A 291 -19.32 15.89 -21.89
N PHE A 292 -18.65 15.62 -22.99
CA PHE A 292 -17.23 15.28 -22.99
C PHE A 292 -16.53 16.14 -24.03
N ARG A 293 -15.37 16.68 -23.70
CA ARG A 293 -14.64 17.52 -24.64
C ARG A 293 -14.15 16.72 -25.84
N GLU A 294 -14.29 17.32 -27.01
CA GLU A 294 -13.86 16.67 -28.25
C GLU A 294 -12.35 16.48 -28.31
N ASP A 295 -11.60 17.53 -27.97
CA ASP A 295 -10.15 17.45 -28.01
C ASP A 295 -9.56 16.39 -27.10
N LEU A 296 -10.16 16.18 -25.93
CA LEU A 296 -9.67 15.17 -24.98
C LEU A 296 -9.92 13.80 -25.63
N TYR A 297 -11.10 13.64 -26.17
CA TYR A 297 -11.49 12.38 -26.79
C TYR A 297 -10.45 11.93 -27.81
N TYR A 298 -10.02 12.87 -28.66
CA TYR A 298 -9.02 12.57 -29.68
C TYR A 298 -7.66 12.30 -29.08
N ARG A 299 -7.30 13.03 -28.02
CA ARG A 299 -6.01 12.81 -27.38
C ARG A 299 -5.97 11.46 -26.67
N LEU A 300 -7.09 11.06 -26.06
CA LEU A 300 -7.13 9.79 -25.34
C LEU A 300 -7.19 8.61 -26.29
N GLY A 301 -7.83 8.79 -27.44
CA GLY A 301 -7.95 7.70 -28.39
C GLY A 301 -6.86 7.53 -29.43
N VAL A 302 -5.72 8.19 -29.25
CA VAL A 302 -4.62 8.06 -30.20
C VAL A 302 -4.47 6.57 -30.43
N ILE A 303 -4.40 5.82 -29.35
CA ILE A 303 -4.32 4.37 -29.40
C ILE A 303 -5.59 3.92 -28.70
N GLU A 304 -6.34 3.05 -29.36
CA GLU A 304 -7.62 2.57 -28.83
C GLU A 304 -7.70 1.06 -28.98
N ILE A 305 -8.02 0.39 -27.88
CA ILE A 305 -8.13 -1.05 -27.84
C ILE A 305 -9.49 -1.46 -27.30
N GLU A 306 -10.24 -2.22 -28.08
CA GLU A 306 -11.55 -2.72 -27.67
C GLU A 306 -11.37 -4.14 -27.13
N ILE A 307 -11.84 -4.40 -25.92
CA ILE A 307 -11.72 -5.75 -25.35
C ILE A 307 -13.12 -6.35 -25.49
N PRO A 308 -13.25 -7.39 -26.34
CA PRO A 308 -14.49 -8.10 -26.64
C PRO A 308 -15.14 -8.82 -25.46
N PRO A 309 -16.46 -8.96 -25.52
CA PRO A 309 -17.21 -9.62 -24.45
C PRO A 309 -16.97 -11.12 -24.45
N LEU A 310 -17.30 -11.75 -23.33
CA LEU A 310 -17.10 -13.18 -23.20
C LEU A 310 -17.79 -13.99 -24.31
N ARG A 311 -19.04 -13.65 -24.64
CA ARG A 311 -19.77 -14.40 -25.67
C ARG A 311 -19.09 -14.42 -27.03
N GLU A 312 -18.04 -13.62 -27.18
CA GLU A 312 -17.30 -13.55 -28.42
C GLU A 312 -15.91 -14.17 -28.20
N ARG A 313 -15.68 -14.69 -26.99
CA ARG A 313 -14.40 -15.32 -26.64
C ARG A 313 -14.73 -16.62 -25.90
N LYS A 314 -15.51 -17.48 -26.53
CA LYS A 314 -15.88 -18.71 -25.85
C LYS A 314 -14.71 -19.58 -25.42
N GLU A 315 -13.55 -19.41 -26.04
CA GLU A 315 -12.40 -20.23 -25.63
C GLU A 315 -11.91 -19.86 -24.23
N ASP A 316 -12.22 -18.66 -23.76
CA ASP A 316 -11.80 -18.23 -22.43
C ASP A 316 -12.70 -18.78 -21.32
N ILE A 317 -13.96 -19.08 -21.65
CA ILE A 317 -14.90 -19.51 -20.62
C ILE A 317 -14.54 -20.66 -19.70
N ILE A 318 -14.15 -21.80 -20.25
CA ILE A 318 -13.81 -22.91 -19.36
C ILE A 318 -12.53 -22.61 -18.58
N PRO A 319 -11.50 -22.08 -19.27
CA PRO A 319 -10.24 -21.75 -18.60
C PRO A 319 -10.48 -20.75 -17.46
N LEU A 320 -11.32 -19.74 -17.72
CA LEU A 320 -11.63 -18.76 -16.69
C LEU A 320 -12.37 -19.45 -15.54
N ALA A 321 -13.40 -20.19 -15.88
CA ALA A 321 -14.19 -20.88 -14.86
C ALA A 321 -13.31 -21.80 -14.00
N ASN A 322 -12.39 -22.53 -14.61
CA ASN A 322 -11.52 -23.42 -13.84
C ASN A 322 -10.62 -22.66 -12.90
N HIS A 323 -10.06 -21.58 -13.40
CA HIS A 323 -9.18 -20.74 -12.63
C HIS A 323 -9.89 -20.22 -11.38
N PHE A 324 -11.13 -19.78 -11.56
CA PHE A 324 -11.91 -19.25 -10.45
C PHE A 324 -12.30 -20.32 -9.43
N LEU A 325 -12.68 -21.49 -9.93
CA LEU A 325 -13.08 -22.58 -9.06
C LEU A 325 -11.89 -22.94 -8.14
N LYS A 326 -10.72 -23.06 -8.75
CA LYS A 326 -9.50 -23.37 -8.01
C LYS A 326 -9.24 -22.28 -6.97
N LYS A 327 -9.28 -21.02 -7.41
CA LYS A 327 -9.05 -19.89 -6.51
C LYS A 327 -9.98 -19.85 -5.30
N PHE A 328 -11.29 -19.88 -5.54
CA PHE A 328 -12.25 -19.82 -4.43
C PHE A 328 -12.29 -21.11 -3.62
N SER A 329 -11.87 -22.21 -4.22
CA SER A 329 -11.88 -23.48 -3.51
C SER A 329 -10.81 -23.44 -2.42
N ARG A 330 -9.62 -22.95 -2.77
CA ARG A 330 -8.55 -22.84 -1.80
C ARG A 330 -8.91 -21.83 -0.74
N LYS A 331 -9.41 -20.66 -1.18
CA LYS A 331 -9.76 -19.60 -0.25
C LYS A 331 -10.65 -20.04 0.89
N TYR A 332 -11.66 -20.87 0.58
CA TYR A 332 -12.57 -21.35 1.61
C TYR A 332 -12.32 -22.78 2.07
N ALA A 333 -11.17 -23.32 1.67
CA ALA A 333 -10.80 -24.67 2.07
C ALA A 333 -11.89 -25.68 1.73
N LYS A 334 -12.38 -25.62 0.49
CA LYS A 334 -13.42 -26.55 0.05
C LYS A 334 -12.78 -27.71 -0.69
N GLU A 335 -13.53 -28.80 -0.88
CA GLU A 335 -12.98 -29.95 -1.59
C GLU A 335 -13.36 -29.98 -3.08
N VAL A 336 -13.96 -28.89 -3.57
CA VAL A 336 -14.35 -28.80 -4.97
C VAL A 336 -13.10 -28.71 -5.84
N GLU A 337 -13.09 -29.48 -6.93
CA GLU A 337 -11.96 -29.48 -7.82
C GLU A 337 -12.35 -29.38 -9.29
N GLY A 338 -13.66 -29.42 -9.57
CA GLY A 338 -14.08 -29.33 -10.95
C GLY A 338 -15.56 -29.23 -11.20
N PHE A 339 -15.92 -29.11 -12.47
CA PHE A 339 -17.32 -29.01 -12.91
C PHE A 339 -17.72 -30.30 -13.65
N THR A 340 -18.98 -30.71 -13.48
CA THR A 340 -19.49 -31.88 -14.19
C THR A 340 -19.59 -31.50 -15.67
N LYS A 341 -19.75 -32.49 -16.53
CA LYS A 341 -19.85 -32.23 -17.96
C LYS A 341 -21.06 -31.37 -18.26
N SER A 342 -22.14 -31.64 -17.55
CA SER A 342 -23.37 -30.91 -17.75
C SER A 342 -23.17 -29.43 -17.33
N ALA A 343 -22.39 -29.23 -16.27
CA ALA A 343 -22.07 -27.88 -15.77
C ALA A 343 -21.28 -27.12 -16.81
N GLN A 344 -20.25 -27.76 -17.36
CA GLN A 344 -19.39 -27.12 -18.36
C GLN A 344 -20.17 -26.64 -19.57
N GLU A 345 -21.09 -27.48 -20.04
CA GLU A 345 -21.89 -27.15 -21.21
C GLU A 345 -22.78 -25.93 -20.97
N LEU A 346 -23.21 -25.74 -19.71
CA LEU A 346 -24.04 -24.59 -19.39
C LEU A 346 -23.18 -23.32 -19.41
N LEU A 347 -22.00 -23.39 -18.80
CA LEU A 347 -21.07 -22.27 -18.77
C LEU A 347 -20.78 -21.81 -20.19
N LEU A 348 -20.59 -22.77 -21.09
CA LEU A 348 -20.31 -22.44 -22.49
C LEU A 348 -21.50 -21.86 -23.25
N SER A 349 -22.73 -22.23 -22.86
CA SER A 349 -23.88 -21.73 -23.59
C SER A 349 -24.51 -20.46 -23.02
N TYR A 350 -24.24 -20.18 -21.75
CA TYR A 350 -24.77 -18.97 -21.13
C TYR A 350 -24.04 -17.80 -21.79
N PRO A 351 -24.76 -16.72 -22.13
CA PRO A 351 -24.14 -15.56 -22.79
C PRO A 351 -23.25 -14.59 -21.97
N TRP A 352 -23.31 -14.67 -20.64
CA TRP A 352 -22.50 -13.81 -19.76
C TRP A 352 -22.46 -12.32 -20.12
N TYR A 353 -23.62 -11.67 -20.04
CA TYR A 353 -23.67 -10.26 -20.37
C TYR A 353 -22.88 -9.44 -19.34
N GLY A 354 -22.64 -10.03 -18.16
CA GLY A 354 -21.87 -9.36 -17.12
C GLY A 354 -20.40 -9.72 -17.32
N ASN A 355 -20.17 -10.53 -18.33
CA ASN A 355 -18.85 -10.97 -18.71
C ASN A 355 -17.99 -11.63 -17.67
N VAL A 356 -16.68 -11.38 -17.70
CA VAL A 356 -15.81 -12.05 -16.75
C VAL A 356 -16.17 -11.82 -15.29
N ARG A 357 -16.59 -10.61 -14.96
CA ARG A 357 -16.94 -10.33 -13.57
C ARG A 357 -18.13 -11.18 -13.14
N GLU A 358 -19.12 -11.30 -14.02
CA GLU A 358 -20.30 -12.10 -13.71
C GLU A 358 -19.92 -13.59 -13.53
N LEU A 359 -19.00 -14.06 -14.37
CA LEU A 359 -18.53 -15.46 -14.32
C LEU A 359 -17.86 -15.66 -12.96
N LYS A 360 -16.93 -14.78 -12.63
CA LYS A 360 -16.22 -14.85 -11.36
C LYS A 360 -17.23 -14.89 -10.20
N ASN A 361 -18.13 -13.92 -10.16
CA ASN A 361 -19.12 -13.88 -9.08
C ASN A 361 -20.00 -15.14 -8.99
N VAL A 362 -20.36 -15.71 -10.13
CA VAL A 362 -21.18 -16.91 -10.15
C VAL A 362 -20.39 -18.12 -9.68
N ILE A 363 -19.13 -18.24 -10.08
CA ILE A 363 -18.35 -19.38 -9.61
C ILE A 363 -18.12 -19.27 -8.11
N GLU A 364 -17.91 -18.05 -7.61
CA GLU A 364 -17.68 -17.90 -6.18
C GLU A 364 -18.85 -18.46 -5.39
N ARG A 365 -20.06 -18.07 -5.76
CA ARG A 365 -21.27 -18.55 -5.10
C ARG A 365 -21.43 -20.06 -5.22
N ALA A 366 -21.05 -20.60 -6.38
CA ALA A 366 -21.17 -22.04 -6.58
C ALA A 366 -20.23 -22.75 -5.62
N VAL A 367 -19.02 -22.19 -5.43
CA VAL A 367 -18.07 -22.82 -4.51
C VAL A 367 -18.56 -22.71 -3.07
N LEU A 368 -19.14 -21.56 -2.73
CA LEU A 368 -19.65 -21.37 -1.38
C LEU A 368 -20.73 -22.39 -1.07
N PHE A 369 -21.58 -22.65 -2.06
CA PHE A 369 -22.67 -23.60 -1.88
C PHE A 369 -22.23 -25.06 -1.87
N SER A 370 -21.25 -25.41 -2.71
CA SER A 370 -20.78 -26.78 -2.81
C SER A 370 -20.25 -27.40 -1.53
N GLU A 371 -20.35 -28.72 -1.48
CA GLU A 371 -19.86 -29.51 -0.36
C GLU A 371 -19.26 -30.79 -0.92
N GLY A 372 -19.39 -30.98 -2.22
CA GLY A 372 -18.84 -32.16 -2.88
C GLY A 372 -17.55 -31.86 -3.60
N LYS A 373 -17.14 -32.75 -4.50
CA LYS A 373 -15.91 -32.54 -5.25
C LYS A 373 -16.13 -31.88 -6.59
N PHE A 374 -17.38 -31.76 -7.01
CA PHE A 374 -17.68 -31.13 -8.29
C PHE A 374 -18.92 -30.27 -8.24
N ILE A 375 -18.99 -29.29 -9.14
CA ILE A 375 -20.14 -28.40 -9.24
C ILE A 375 -20.97 -28.93 -10.42
N ASP A 376 -22.24 -29.24 -10.16
CA ASP A 376 -23.11 -29.77 -11.20
C ASP A 376 -23.99 -28.70 -11.83
N ARG A 377 -24.65 -29.06 -12.93
CA ARG A 377 -25.50 -28.14 -13.68
C ARG A 377 -26.59 -27.47 -12.86
N GLY A 378 -27.08 -28.17 -11.84
CA GLY A 378 -28.12 -27.64 -10.99
C GLY A 378 -27.69 -26.48 -10.13
N GLU A 379 -26.49 -26.58 -9.55
CA GLU A 379 -25.99 -25.50 -8.70
C GLU A 379 -25.75 -24.25 -9.56
N LEU A 380 -25.35 -24.44 -10.82
CA LEU A 380 -25.11 -23.31 -11.71
C LEU A 380 -26.39 -22.71 -12.26
N SER A 381 -27.30 -23.57 -12.70
CA SER A 381 -28.56 -23.13 -13.29
C SER A 381 -29.39 -22.22 -12.40
N CYS A 382 -29.33 -22.42 -11.09
CA CYS A 382 -30.09 -21.58 -10.19
C CYS A 382 -29.37 -20.24 -10.01
N LEU A 383 -28.05 -20.26 -10.16
CA LEU A 383 -27.24 -19.05 -10.01
C LEU A 383 -27.34 -18.15 -11.22
N VAL A 384 -27.53 -18.74 -12.40
CA VAL A 384 -27.64 -17.96 -13.64
C VAL A 384 -29.07 -17.96 -14.17
N MET B 1 11.76 15.95 -11.72
CA MET B 1 11.90 16.67 -10.42
C MET B 1 12.40 18.12 -10.57
N ASN B 2 11.77 19.05 -9.85
CA ASN B 2 12.17 20.46 -9.90
C ASN B 2 12.80 20.91 -8.59
N VAL B 3 13.88 21.69 -8.70
CA VAL B 3 14.57 22.21 -7.54
C VAL B 3 14.66 23.74 -7.59
N LEU B 4 14.57 24.38 -6.42
CA LEU B 4 14.70 25.84 -6.32
C LEU B 4 15.91 26.18 -5.43
N VAL B 5 16.84 26.96 -5.97
CA VAL B 5 18.01 27.36 -5.20
C VAL B 5 17.89 28.82 -4.77
N ILE B 6 17.95 29.04 -3.46
CA ILE B 6 17.84 30.38 -2.91
C ILE B 6 19.15 30.67 -2.18
N GLU B 7 20.08 31.28 -2.91
CA GLU B 7 21.38 31.62 -2.35
C GLU B 7 21.84 32.98 -2.88
N ASP B 8 22.55 33.74 -2.05
CA ASP B 8 23.04 35.05 -2.44
C ASP B 8 24.45 34.93 -3.02
N ASP B 9 25.22 34.00 -2.47
CA ASP B 9 26.59 33.76 -2.91
C ASP B 9 26.64 33.22 -4.34
N LYS B 10 27.08 34.04 -5.28
CA LYS B 10 27.18 33.65 -6.68
C LYS B 10 28.06 32.42 -6.86
N VAL B 11 29.02 32.24 -5.95
CA VAL B 11 29.93 31.11 -6.02
C VAL B 11 29.22 29.83 -5.61
N PHE B 12 28.90 29.73 -4.32
CA PHE B 12 28.24 28.54 -3.80
C PHE B 12 27.01 28.21 -4.62
N ARG B 13 26.23 29.25 -4.96
CA ARG B 13 25.02 29.09 -5.76
C ARG B 13 25.31 28.35 -7.06
N GLY B 14 26.25 28.89 -7.84
CA GLY B 14 26.60 28.25 -9.10
C GLY B 14 27.04 26.82 -8.93
N LEU B 15 27.77 26.54 -7.86
CA LEU B 15 28.24 25.19 -7.59
C LEU B 15 27.05 24.25 -7.45
N LEU B 16 26.02 24.73 -6.77
CA LEU B 16 24.79 23.98 -6.57
C LEU B 16 24.10 23.80 -7.93
N GLU B 17 23.90 24.92 -8.62
CA GLU B 17 23.27 24.93 -9.94
C GLU B 17 23.93 23.92 -10.86
N GLU B 18 25.26 23.94 -10.88
CA GLU B 18 26.03 23.03 -11.72
C GLU B 18 25.79 21.58 -11.31
N TYR B 19 25.98 21.27 -10.03
CA TYR B 19 25.78 19.90 -9.58
C TYR B 19 24.43 19.35 -10.00
N LEU B 20 23.36 20.07 -9.67
CA LEU B 20 22.00 19.67 -10.02
C LEU B 20 21.86 19.52 -11.52
N SER B 21 22.39 20.52 -12.23
CA SER B 21 22.36 20.55 -13.68
C SER B 21 23.01 19.28 -14.22
N MET B 22 24.07 18.84 -13.56
CA MET B 22 24.81 17.65 -13.97
C MET B 22 24.03 16.36 -13.73
N LYS B 23 23.17 16.37 -12.71
CA LYS B 23 22.39 15.18 -12.38
C LYS B 23 21.09 15.09 -13.19
N GLY B 24 20.83 16.10 -14.01
CA GLY B 24 19.63 16.09 -14.83
C GLY B 24 18.36 16.54 -14.13
N ILE B 25 18.49 17.48 -13.20
CA ILE B 25 17.36 18.00 -12.45
C ILE B 25 17.05 19.43 -12.85
N LYS B 26 15.78 19.73 -13.12
CA LYS B 26 15.40 21.09 -13.48
C LYS B 26 15.72 22.02 -12.33
N VAL B 27 16.26 23.20 -12.62
CA VAL B 27 16.63 24.12 -11.56
C VAL B 27 16.16 25.55 -11.81
N GLU B 28 16.03 26.30 -10.72
CA GLU B 28 15.66 27.70 -10.79
C GLU B 28 16.35 28.34 -9.61
N SER B 29 16.71 29.61 -9.74
CA SER B 29 17.43 30.30 -8.69
C SER B 29 16.82 31.62 -8.29
N ALA B 30 17.16 32.06 -7.09
CA ALA B 30 16.67 33.31 -6.55
C ALA B 30 17.83 33.88 -5.74
N GLU B 31 18.19 35.13 -6.03
CA GLU B 31 19.27 35.78 -5.32
C GLU B 31 18.79 36.31 -3.98
N ARG B 32 17.50 36.63 -3.89
CA ARG B 32 16.91 37.16 -2.67
C ARG B 32 15.49 36.71 -2.36
N GLY B 33 15.08 36.95 -1.12
CA GLY B 33 13.76 36.57 -0.66
C GLY B 33 12.58 36.96 -1.53
N LYS B 34 12.52 38.23 -1.94
CA LYS B 34 11.41 38.68 -2.76
C LYS B 34 11.27 37.87 -4.06
N GLU B 35 12.41 37.47 -4.63
CA GLU B 35 12.42 36.68 -5.86
C GLU B 35 12.03 35.23 -5.58
N ALA B 36 12.48 34.72 -4.44
CA ALA B 36 12.18 33.35 -4.07
C ALA B 36 10.67 33.22 -3.85
N TYR B 37 10.09 34.14 -3.09
CA TYR B 37 8.64 34.14 -2.83
C TYR B 37 7.83 34.18 -4.12
N LYS B 38 8.31 34.95 -5.09
CA LYS B 38 7.59 35.04 -6.35
C LYS B 38 7.53 33.66 -7.00
N LEU B 39 8.69 33.04 -7.18
CA LEU B 39 8.78 31.73 -7.79
C LEU B 39 7.98 30.70 -7.00
N LEU B 40 8.11 30.76 -5.68
CA LEU B 40 7.42 29.85 -4.78
C LEU B 40 5.90 29.98 -4.90
N SER B 41 5.46 31.11 -5.44
CA SER B 41 4.03 31.41 -5.63
C SER B 41 3.52 30.95 -6.98
N GLU B 42 4.46 30.66 -7.90
CA GLU B 42 4.10 30.25 -9.25
C GLU B 42 4.40 28.78 -9.57
N LYS B 43 5.44 28.23 -8.94
CA LYS B 43 5.83 26.85 -9.18
C LYS B 43 5.95 26.00 -7.92
N HIS B 44 5.50 24.75 -8.03
CA HIS B 44 5.61 23.82 -6.93
C HIS B 44 7.01 23.18 -7.06
N PHE B 45 7.77 23.14 -5.97
CA PHE B 45 9.10 22.53 -6.03
C PHE B 45 9.18 21.29 -5.14
N ASN B 46 10.05 20.37 -5.53
CA ASN B 46 10.25 19.13 -4.81
C ASN B 46 11.34 19.31 -3.79
N VAL B 47 12.33 20.11 -4.13
CA VAL B 47 13.44 20.38 -3.23
C VAL B 47 13.78 21.87 -3.27
N VAL B 48 14.14 22.41 -2.12
CA VAL B 48 14.52 23.81 -2.04
C VAL B 48 15.81 23.99 -1.22
N LEU B 49 16.81 24.59 -1.84
CA LEU B 49 18.08 24.85 -1.16
C LEU B 49 17.92 26.27 -0.68
N LEU B 50 17.77 26.44 0.64
CA LEU B 50 17.55 27.73 1.26
C LEU B 50 18.72 28.16 2.12
N ASP B 51 19.19 29.39 1.95
CA ASP B 51 20.27 29.88 2.78
C ASP B 51 19.62 30.69 3.91
N LEU B 52 19.94 30.35 5.15
CA LEU B 52 19.36 31.04 6.30
C LEU B 52 19.69 32.52 6.29
N LEU B 53 20.76 32.88 5.58
CA LEU B 53 21.18 34.28 5.52
C LEU B 53 20.91 34.91 4.15
N LEU B 54 19.91 35.79 4.10
CA LEU B 54 19.57 36.47 2.85
C LEU B 54 19.53 37.97 3.09
N PRO B 55 19.87 38.75 2.06
CA PRO B 55 19.89 40.21 2.12
C PRO B 55 18.60 40.87 2.60
N ASP B 56 17.50 40.60 1.89
CA ASP B 56 16.21 41.19 2.21
C ASP B 56 15.33 40.46 3.22
N VAL B 57 15.55 39.17 3.41
CA VAL B 57 14.70 38.41 4.33
C VAL B 57 15.49 37.47 5.24
N ASN B 58 14.83 36.96 6.28
CA ASN B 58 15.49 36.00 7.15
C ASN B 58 15.07 34.60 6.66
N GLY B 59 16.05 33.87 6.15
CA GLY B 59 15.80 32.54 5.62
C GLY B 59 14.72 31.75 6.34
N LEU B 60 14.77 31.73 7.67
CA LEU B 60 13.80 30.99 8.47
C LEU B 60 12.34 31.28 8.14
N GLU B 61 12.03 32.51 7.73
CA GLU B 61 10.66 32.84 7.41
C GLU B 61 10.22 32.14 6.12
N ILE B 62 11.14 32.03 5.17
CA ILE B 62 10.83 31.35 3.92
C ILE B 62 10.55 29.87 4.18
N LEU B 63 11.40 29.29 5.03
CA LEU B 63 11.25 27.89 5.40
C LEU B 63 9.88 27.68 6.04
N LYS B 64 9.51 28.61 6.91
CA LYS B 64 8.22 28.50 7.59
C LYS B 64 7.07 28.62 6.57
N TRP B 65 7.25 29.51 5.61
CA TRP B 65 6.25 29.72 4.57
C TRP B 65 6.12 28.42 3.78
N ILE B 66 7.26 27.84 3.41
CA ILE B 66 7.28 26.61 2.65
C ILE B 66 6.63 25.46 3.42
N LYS B 67 7.01 25.33 4.69
CA LYS B 67 6.46 24.23 5.48
C LYS B 67 4.97 24.30 5.75
N GLU B 68 4.40 25.50 5.76
CA GLU B 68 2.96 25.63 5.99
C GLU B 68 2.25 25.24 4.71
N ARG B 69 2.71 25.80 3.59
CA ARG B 69 2.13 25.53 2.27
C ARG B 69 2.34 24.09 1.82
N SER B 70 3.59 23.72 1.50
CA SER B 70 3.88 22.36 1.06
C SER B 70 4.93 21.60 1.88
N PRO B 71 4.47 20.87 2.90
CA PRO B 71 5.39 20.09 3.72
C PRO B 71 6.07 19.00 2.91
N GLU B 72 5.51 18.71 1.72
CA GLU B 72 6.07 17.68 0.86
C GLU B 72 7.36 18.13 0.14
N THR B 73 7.65 19.42 0.19
CA THR B 73 8.88 19.94 -0.42
C THR B 73 10.02 19.73 0.57
N GLU B 74 11.02 18.92 0.18
CA GLU B 74 12.19 18.68 1.03
C GLU B 74 12.91 20.01 1.08
N VAL B 75 13.27 20.48 2.27
CA VAL B 75 14.00 21.76 2.34
C VAL B 75 15.35 21.61 3.03
N ILE B 76 16.40 22.00 2.32
CA ILE B 76 17.78 21.95 2.80
C ILE B 76 18.26 23.37 3.13
N VAL B 77 18.53 23.67 4.40
CA VAL B 77 19.01 25.01 4.71
C VAL B 77 20.54 25.07 4.57
N ILE B 78 21.02 26.25 4.23
CA ILE B 78 22.44 26.51 4.02
C ILE B 78 22.91 27.52 5.06
N THR B 79 23.97 27.17 5.78
CA THR B 79 24.50 28.03 6.82
C THR B 79 26.03 28.03 6.82
N GLY B 80 26.64 29.07 7.40
CA GLY B 80 28.09 29.15 7.45
C GLY B 80 28.71 28.38 8.59
N HIS B 81 29.97 28.69 8.90
CA HIS B 81 30.68 28.01 9.99
C HIS B 81 30.28 28.58 11.34
N GLY B 82 30.12 27.69 12.32
CA GLY B 82 29.75 28.12 13.66
C GLY B 82 28.32 28.59 13.83
N THR B 83 27.47 28.27 12.86
CA THR B 83 26.07 28.67 12.93
C THR B 83 25.20 27.43 13.01
N ILE B 84 25.70 26.41 13.71
CA ILE B 84 25.00 25.14 13.86
C ILE B 84 23.68 25.23 14.62
N LYS B 85 23.56 26.16 15.56
CA LYS B 85 22.33 26.31 16.34
C LYS B 85 21.13 26.63 15.45
N THR B 86 21.31 27.58 14.54
CA THR B 86 20.24 27.96 13.63
C THR B 86 19.93 26.84 12.64
N ALA B 87 20.94 26.06 12.28
CA ALA B 87 20.73 24.94 11.38
C ALA B 87 19.84 23.94 12.12
N VAL B 88 20.17 23.70 13.38
CA VAL B 88 19.40 22.78 14.20
C VAL B 88 17.98 23.33 14.42
N GLU B 89 17.88 24.64 14.58
CA GLU B 89 16.57 25.27 14.76
C GLU B 89 15.80 25.06 13.46
N ALA B 90 16.49 25.32 12.35
CA ALA B 90 15.90 25.16 11.04
C ALA B 90 15.32 23.75 10.92
N MET B 91 16.13 22.76 11.28
CA MET B 91 15.68 21.37 11.21
C MET B 91 14.50 21.11 12.14
N LYS B 92 14.52 21.71 13.32
CA LYS B 92 13.43 21.55 14.27
C LYS B 92 12.17 22.18 13.66
N MET B 93 12.37 23.18 12.82
CA MET B 93 11.24 23.86 12.16
C MET B 93 10.74 23.15 10.91
N GLY B 94 11.43 22.09 10.49
CA GLY B 94 10.97 21.37 9.32
C GLY B 94 12.00 21.11 8.25
N ALA B 95 13.17 21.72 8.36
CA ALA B 95 14.21 21.51 7.37
C ALA B 95 14.64 20.05 7.45
N TYR B 96 14.88 19.41 6.30
CA TYR B 96 15.27 18.01 6.31
C TYR B 96 16.71 17.79 6.70
N ASP B 97 17.61 18.54 6.06
CA ASP B 97 19.03 18.42 6.33
C ASP B 97 19.61 19.81 6.12
N PHE B 98 20.94 19.91 6.15
CA PHE B 98 21.58 21.21 5.94
C PHE B 98 22.98 21.09 5.35
N LEU B 99 23.39 22.16 4.66
CA LEU B 99 24.72 22.20 4.04
C LEU B 99 25.49 23.36 4.63
N THR B 100 26.79 23.17 4.81
CA THR B 100 27.62 24.24 5.34
C THR B 100 28.34 24.92 4.19
N LYS B 101 28.21 26.24 4.11
CA LYS B 101 28.82 27.05 3.08
C LYS B 101 30.16 27.51 3.65
N PRO B 102 31.29 27.03 3.09
CA PRO B 102 31.50 26.10 1.99
C PRO B 102 31.68 24.65 2.43
N CYS B 103 31.78 23.74 1.46
CA CYS B 103 31.97 22.33 1.75
C CYS B 103 32.28 21.51 0.50
N MET B 104 32.66 20.25 0.70
CA MET B 104 32.98 19.35 -0.40
C MET B 104 31.76 19.19 -1.31
N LEU B 105 32.00 18.90 -2.58
CA LEU B 105 30.89 18.70 -3.51
C LEU B 105 30.29 17.34 -3.22
N GLU B 106 31.06 16.48 -2.56
CA GLU B 106 30.61 15.15 -2.21
C GLU B 106 29.58 15.24 -1.09
N GLU B 107 29.70 16.26 -0.26
CA GLU B 107 28.76 16.48 0.83
C GLU B 107 27.45 16.94 0.20
N ILE B 108 27.59 17.77 -0.84
CA ILE B 108 26.47 18.30 -1.61
C ILE B 108 25.69 17.13 -2.21
N GLU B 109 26.42 16.20 -2.81
CA GLU B 109 25.82 15.04 -3.44
C GLU B 109 25.10 14.09 -2.47
N LEU B 110 25.75 13.79 -1.34
CA LEU B 110 25.18 12.89 -0.36
C LEU B 110 23.95 13.47 0.34
N THR B 111 24.05 14.73 0.75
CA THR B 111 22.96 15.41 1.41
C THR B 111 21.75 15.52 0.50
N ILE B 112 21.98 15.89 -0.75
CA ILE B 112 20.87 16.02 -1.70
C ILE B 112 20.26 14.65 -1.99
N ASN B 113 21.08 13.62 -2.11
CA ASN B 113 20.54 12.29 -2.38
C ASN B 113 19.74 11.76 -1.20
N LYS B 114 20.17 12.07 0.02
CA LYS B 114 19.45 11.59 1.19
C LYS B 114 18.05 12.20 1.15
N ALA B 115 17.98 13.49 0.84
CA ALA B 115 16.71 14.21 0.77
C ALA B 115 15.83 13.62 -0.32
N ILE B 116 16.44 13.24 -1.44
CA ILE B 116 15.70 12.67 -2.56
C ILE B 116 15.15 11.31 -2.21
N GLU B 117 15.90 10.53 -1.43
CA GLU B 117 15.43 9.20 -1.06
C GLU B 117 14.23 9.35 -0.12
N HIS B 118 14.35 10.22 0.88
CA HIS B 118 13.27 10.46 1.82
C HIS B 118 11.98 10.75 1.05
N ARG B 119 12.09 11.65 0.08
CA ARG B 119 10.94 12.04 -0.76
C ARG B 119 10.39 10.83 -1.48
N LYS B 120 11.29 10.04 -2.06
CA LYS B 120 10.91 8.83 -2.77
C LYS B 120 10.12 7.94 -1.82
N LEU B 121 10.68 7.70 -0.63
CA LEU B 121 10.04 6.86 0.37
C LEU B 121 8.73 7.48 0.86
N ARG B 122 8.76 8.79 1.10
CA ARG B 122 7.56 9.48 1.58
C ARG B 122 6.39 9.35 0.59
N LYS B 123 6.64 9.64 -0.69
CA LYS B 123 5.58 9.54 -1.69
C LYS B 123 5.01 8.13 -1.82
N GLU B 124 5.90 7.14 -1.86
CA GLU B 124 5.47 5.76 -1.97
C GLU B 124 4.54 5.41 -0.81
N ASN B 125 4.92 5.85 0.39
CA ASN B 125 4.14 5.56 1.59
C ASN B 125 2.74 6.17 1.49
N GLU B 126 2.69 7.43 1.07
CA GLU B 126 1.43 8.14 0.89
C GLU B 126 0.54 7.45 -0.13
N LEU B 127 1.10 7.15 -1.29
CA LEU B 127 0.35 6.51 -2.36
C LEU B 127 -0.25 5.17 -1.95
N LEU B 128 0.56 4.29 -1.38
CA LEU B 128 0.07 2.98 -0.97
C LEU B 128 -1.02 3.08 0.07
N ARG B 129 -0.90 4.06 0.96
CA ARG B 129 -1.90 4.25 2.00
C ARG B 129 -3.18 4.83 1.44
N ARG B 130 -3.05 5.87 0.61
CA ARG B 130 -4.23 6.49 0.01
C ARG B 130 -4.96 5.47 -0.87
N GLU B 131 -4.20 4.59 -1.52
CA GLU B 131 -4.81 3.57 -2.38
C GLU B 131 -5.60 2.62 -1.50
N LYS B 132 -5.03 2.30 -0.34
CA LYS B 132 -5.65 1.40 0.61
C LYS B 132 -6.92 2.05 1.17
N ASP B 133 -6.83 3.33 1.50
CA ASP B 133 -7.98 4.05 2.05
C ASP B 133 -9.15 4.01 1.08
N LEU B 134 -8.87 4.06 -0.22
CA LEU B 134 -9.94 4.01 -1.21
C LEU B 134 -10.84 2.81 -0.98
N LYS B 135 -10.26 1.71 -0.51
CA LYS B 135 -11.01 0.49 -0.28
C LYS B 135 -11.67 0.38 1.09
N GLU B 136 -11.64 1.45 1.86
CA GLU B 136 -12.25 1.39 3.19
C GLU B 136 -13.76 1.19 3.08
N GLU B 137 -14.27 0.33 3.95
CA GLU B 137 -15.70 0.03 3.99
C GLU B 137 -16.26 0.29 5.37
N GLU B 138 -17.57 0.46 5.42
CA GLU B 138 -18.27 0.69 6.68
C GLU B 138 -19.18 -0.52 6.92
N TYR B 139 -19.14 -1.04 8.13
CA TYR B 139 -19.89 -2.23 8.47
C TYR B 139 -21.25 -2.07 9.13
N VAL B 140 -22.02 -3.17 9.13
CA VAL B 140 -23.38 -3.20 9.67
C VAL B 140 -23.62 -4.26 10.74
N PHE B 141 -24.04 -3.81 11.92
CA PHE B 141 -24.34 -4.70 13.04
C PHE B 141 -25.68 -4.32 13.67
N GLU B 142 -26.77 -4.59 12.95
CA GLU B 142 -28.10 -4.24 13.46
C GLU B 142 -28.88 -5.37 14.09
N SER B 143 -28.27 -6.54 14.22
CA SER B 143 -28.96 -7.67 14.83
C SER B 143 -28.50 -7.86 16.28
N PRO B 144 -29.40 -8.37 17.13
CA PRO B 144 -29.06 -8.59 18.55
C PRO B 144 -27.79 -9.40 18.72
N LYS B 145 -27.74 -10.54 18.05
CA LYS B 145 -26.59 -11.43 18.12
C LYS B 145 -25.29 -10.69 17.82
N MET B 146 -25.31 -9.89 16.75
CA MET B 146 -24.14 -9.12 16.33
C MET B 146 -23.94 -7.87 17.18
N LYS B 147 -25.04 -7.24 17.56
CA LYS B 147 -24.97 -6.02 18.36
C LYS B 147 -24.18 -6.24 19.64
N GLU B 148 -24.29 -7.44 20.22
CA GLU B 148 -23.55 -7.75 21.43
C GLU B 148 -22.16 -8.29 21.12
N ILE B 149 -22.02 -8.97 19.99
CA ILE B 149 -20.72 -9.47 19.59
C ILE B 149 -19.84 -8.23 19.48
N LEU B 150 -20.45 -7.15 19.02
CA LEU B 150 -19.75 -5.88 18.84
C LEU B 150 -19.23 -5.38 20.19
N GLU B 151 -20.06 -5.51 21.22
CA GLU B 151 -19.68 -5.08 22.56
C GLU B 151 -18.55 -5.94 23.11
N LYS B 152 -18.63 -7.24 22.88
CA LYS B 152 -17.58 -8.13 23.35
C LYS B 152 -16.26 -7.77 22.65
N ILE B 153 -16.34 -7.43 21.37
CA ILE B 153 -15.15 -7.05 20.62
C ILE B 153 -14.55 -5.81 21.27
N LYS B 154 -15.42 -4.93 21.76
CA LYS B 154 -14.95 -3.71 22.41
C LYS B 154 -14.24 -4.04 23.72
N LYS B 155 -14.65 -5.11 24.37
CA LYS B 155 -14.06 -5.53 25.64
C LYS B 155 -12.73 -6.25 25.47
N ILE B 156 -12.58 -6.98 24.36
CA ILE B 156 -11.35 -7.74 24.11
C ILE B 156 -10.31 -7.00 23.27
N SER B 157 -10.72 -5.94 22.62
CA SER B 157 -9.83 -5.16 21.76
C SER B 157 -8.45 -4.81 22.31
N CYS B 158 -8.40 -4.38 23.57
CA CYS B 158 -7.14 -3.96 24.18
C CYS B 158 -6.36 -5.07 24.88
N ALA B 159 -6.84 -6.30 24.75
CA ALA B 159 -6.15 -7.43 25.35
C ALA B 159 -4.96 -7.70 24.43
N GLU B 160 -3.96 -8.42 24.90
CA GLU B 160 -2.81 -8.69 24.06
C GLU B 160 -2.79 -10.15 23.60
N CYS B 161 -3.72 -10.93 24.13
CA CYS B 161 -3.80 -12.34 23.77
C CYS B 161 -4.57 -12.56 22.46
N PRO B 162 -4.50 -13.77 21.92
CA PRO B 162 -5.17 -14.11 20.66
C PRO B 162 -6.66 -14.37 20.69
N VAL B 163 -7.30 -14.09 19.55
CA VAL B 163 -8.72 -14.32 19.41
C VAL B 163 -8.94 -15.33 18.28
N LEU B 164 -9.90 -16.21 18.47
CA LEU B 164 -10.21 -17.22 17.48
C LEU B 164 -11.63 -16.92 17.03
N ILE B 165 -11.79 -16.54 15.76
CA ILE B 165 -13.09 -16.21 15.21
C ILE B 165 -13.64 -17.34 14.36
N THR B 166 -14.82 -17.83 14.71
CA THR B 166 -15.43 -18.94 13.99
C THR B 166 -16.75 -18.61 13.32
N GLY B 167 -17.16 -19.49 12.40
CA GLY B 167 -18.41 -19.29 11.70
C GLY B 167 -18.34 -19.77 10.27
N GLU B 168 -19.51 -19.93 9.65
CA GLU B 168 -19.58 -20.38 8.27
C GLU B 168 -18.86 -19.34 7.41
N SER B 169 -18.32 -19.79 6.28
CA SER B 169 -17.63 -18.87 5.41
C SER B 169 -18.58 -17.82 4.84
N GLY B 170 -18.06 -16.61 4.64
CA GLY B 170 -18.87 -15.53 4.12
C GLY B 170 -19.71 -14.89 5.21
N VAL B 171 -19.42 -15.28 6.44
CA VAL B 171 -20.16 -14.80 7.61
C VAL B 171 -19.68 -13.47 8.21
N GLY B 172 -18.47 -13.03 7.88
CA GLY B 172 -17.98 -11.77 8.42
C GLY B 172 -16.83 -11.93 9.39
N LYS B 173 -16.10 -13.03 9.27
CA LYS B 173 -14.97 -13.32 10.13
C LYS B 173 -13.85 -12.29 9.99
N GLU B 174 -13.45 -12.00 8.76
CA GLU B 174 -12.39 -11.03 8.55
C GLU B 174 -12.83 -9.62 8.93
N VAL B 175 -14.13 -9.36 8.82
CA VAL B 175 -14.67 -8.06 9.16
C VAL B 175 -14.49 -7.87 10.66
N VAL B 176 -14.88 -8.89 11.44
CA VAL B 176 -14.75 -8.83 12.90
C VAL B 176 -13.31 -8.58 13.31
N ALA B 177 -12.37 -9.31 12.71
CA ALA B 177 -10.96 -9.12 13.03
C ALA B 177 -10.54 -7.69 12.72
N ARG B 178 -11.03 -7.12 11.63
CA ARG B 178 -10.67 -5.75 11.30
C ARG B 178 -11.12 -4.78 12.39
N LEU B 179 -12.33 -4.97 12.90
CA LEU B 179 -12.84 -4.10 13.96
C LEU B 179 -12.04 -4.25 15.25
N ILE B 180 -11.65 -5.49 15.56
CA ILE B 180 -10.88 -5.75 16.77
C ILE B 180 -9.62 -4.90 16.75
N HIS B 181 -9.02 -4.80 15.58
CA HIS B 181 -7.80 -4.00 15.44
C HIS B 181 -8.16 -2.53 15.44
N LYS B 182 -9.31 -2.21 14.85
CA LYS B 182 -9.76 -0.83 14.76
C LYS B 182 -10.08 -0.21 16.11
N LEU B 183 -10.65 -1.02 17.01
CA LEU B 183 -11.03 -0.57 18.33
C LEU B 183 -9.95 -0.77 19.40
N SER B 184 -8.83 -1.37 19.01
CA SER B 184 -7.75 -1.62 19.96
C SER B 184 -6.75 -0.48 20.09
N ASP B 185 -5.86 -0.62 21.06
CA ASP B 185 -4.81 0.38 21.32
C ASP B 185 -3.73 0.32 20.24
N ARG B 186 -3.87 -0.61 19.30
CA ARG B 186 -2.90 -0.79 18.22
C ARG B 186 -3.43 -0.26 16.88
N SER B 187 -4.67 0.20 16.87
CA SER B 187 -5.31 0.66 15.63
C SER B 187 -4.44 1.43 14.62
N LYS B 188 -3.51 2.24 15.08
CA LYS B 188 -2.69 3.00 14.16
C LYS B 188 -1.51 2.18 13.65
N GLU B 189 -1.38 0.97 14.16
CA GLU B 189 -0.31 0.07 13.77
C GLU B 189 -0.85 -0.82 12.66
N PRO B 190 0.04 -1.45 11.87
CA PRO B 190 -0.43 -2.31 10.78
C PRO B 190 -1.34 -3.49 11.10
N PHE B 191 -2.22 -3.78 10.15
CA PHE B 191 -3.13 -4.91 10.26
C PHE B 191 -2.84 -5.75 9.01
N VAL B 192 -2.33 -6.96 9.22
CA VAL B 192 -1.99 -7.81 8.08
C VAL B 192 -2.88 -9.04 7.99
N ALA B 193 -3.58 -9.18 6.86
CA ALA B 193 -4.46 -10.31 6.64
C ALA B 193 -3.80 -11.32 5.72
N LEU B 194 -3.70 -12.56 6.18
CA LEU B 194 -3.08 -13.62 5.41
C LEU B 194 -3.97 -14.85 5.44
N ASN B 195 -4.40 -15.30 4.26
CA ASN B 195 -5.23 -16.49 4.20
C ASN B 195 -4.29 -17.67 4.00
N VAL B 196 -4.17 -18.47 5.06
CA VAL B 196 -3.29 -19.65 5.07
C VAL B 196 -3.62 -20.69 4.00
N ALA B 197 -4.91 -20.80 3.67
CA ALA B 197 -5.34 -21.77 2.68
C ALA B 197 -4.94 -21.43 1.26
N SER B 198 -5.00 -20.14 0.90
CA SER B 198 -4.67 -19.73 -0.47
C SER B 198 -3.20 -19.49 -0.75
N ILE B 199 -2.39 -19.33 0.29
CA ILE B 199 -0.97 -19.12 0.07
C ILE B 199 -0.31 -20.50 0.05
N PRO B 200 0.56 -20.74 -0.93
CA PRO B 200 1.25 -22.04 -1.05
C PRO B 200 1.96 -22.44 0.25
N ARG B 201 1.64 -23.64 0.75
CA ARG B 201 2.23 -24.14 1.99
C ARG B 201 3.74 -24.05 2.00
N ASP B 202 4.37 -24.24 0.85
CA ASP B 202 5.81 -24.22 0.75
C ASP B 202 6.42 -22.83 0.78
N ILE B 203 5.59 -21.80 0.66
CA ILE B 203 6.06 -20.42 0.67
C ILE B 203 5.68 -19.70 1.96
N PHE B 204 4.59 -20.15 2.56
CA PHE B 204 4.06 -19.55 3.78
C PHE B 204 5.06 -19.23 4.90
N GLU B 205 5.84 -20.20 5.33
CA GLU B 205 6.79 -19.96 6.41
C GLU B 205 7.84 -18.92 6.06
N ALA B 206 8.34 -19.00 4.84
CA ALA B 206 9.34 -18.04 4.39
C ALA B 206 8.73 -16.64 4.41
N GLU B 207 7.44 -16.54 4.15
CA GLU B 207 6.82 -15.23 4.14
C GLU B 207 6.41 -14.73 5.52
N LEU B 208 5.94 -15.62 6.38
CA LEU B 208 5.54 -15.22 7.71
C LEU B 208 6.76 -15.00 8.61
N PHE B 209 7.72 -15.92 8.55
CA PHE B 209 8.89 -15.82 9.41
C PHE B 209 10.12 -15.18 8.79
N GLY B 210 10.17 -15.11 7.46
CA GLY B 210 11.34 -14.52 6.83
C GLY B 210 12.45 -15.55 6.74
N TYR B 211 13.53 -15.25 6.02
CA TYR B 211 14.60 -16.21 5.88
C TYR B 211 15.96 -15.57 5.65
N GLU B 212 17.00 -16.31 6.01
CA GLU B 212 18.37 -15.82 5.85
C GLU B 212 18.84 -16.20 4.46
N LYS B 213 20.00 -15.69 4.09
CA LYS B 213 20.59 -15.96 2.78
C LYS B 213 20.95 -17.45 2.65
N GLY B 214 20.26 -18.15 1.76
CA GLY B 214 20.53 -19.56 1.53
C GLY B 214 19.74 -20.59 2.33
N ALA B 215 18.85 -20.14 3.21
CA ALA B 215 18.04 -21.05 4.03
C ALA B 215 17.35 -22.14 3.21
N PHE B 216 17.12 -21.84 1.95
CA PHE B 216 16.49 -22.78 1.03
C PHE B 216 16.93 -22.40 -0.37
N THR B 217 16.85 -23.35 -1.31
CA THR B 217 17.28 -23.07 -2.67
C THR B 217 16.40 -22.01 -3.30
N GLY B 218 17.05 -20.91 -3.68
CA GLY B 218 16.34 -19.80 -4.30
C GLY B 218 16.56 -18.56 -3.45
N ALA B 219 16.83 -18.77 -2.16
CA ALA B 219 17.06 -17.68 -1.23
C ALA B 219 18.40 -16.98 -1.43
N VAL B 220 18.46 -16.14 -2.47
CA VAL B 220 19.68 -15.39 -2.78
C VAL B 220 20.11 -14.44 -1.68
N SER B 221 19.16 -13.70 -1.11
CA SER B 221 19.47 -12.77 -0.03
C SER B 221 18.52 -13.03 1.12
N SER B 222 18.62 -12.23 2.17
CA SER B 222 17.77 -12.37 3.35
C SER B 222 16.54 -11.49 3.20
N LYS B 223 15.39 -12.00 3.63
CA LYS B 223 14.14 -11.26 3.52
C LYS B 223 13.41 -11.29 4.84
N GLU B 224 12.94 -10.12 5.26
CA GLU B 224 12.19 -10.02 6.50
C GLU B 224 10.88 -10.76 6.29
N GLY B 225 10.12 -10.96 7.35
CA GLY B 225 8.85 -11.63 7.24
C GLY B 225 7.71 -10.79 7.80
N PHE B 226 6.49 -11.15 7.46
CA PHE B 226 5.36 -10.40 7.94
C PHE B 226 5.44 -10.11 9.44
N PHE B 227 5.85 -11.09 10.24
CA PHE B 227 5.97 -10.86 11.70
C PHE B 227 6.86 -9.66 12.02
N GLU B 228 7.97 -9.52 11.32
CA GLU B 228 8.87 -8.38 11.55
C GLU B 228 8.27 -7.08 11.04
N LEU B 229 7.82 -7.08 9.79
CA LEU B 229 7.24 -5.89 9.19
C LEU B 229 5.97 -5.43 9.92
N ALA B 230 5.24 -6.37 10.49
CA ALA B 230 4.02 -6.04 11.21
C ALA B 230 4.27 -5.79 12.69
N ASP B 231 5.53 -5.72 13.08
CA ASP B 231 5.86 -5.51 14.49
C ASP B 231 5.07 -4.37 15.11
N GLY B 232 4.38 -4.68 16.21
CA GLY B 232 3.58 -3.67 16.90
C GLY B 232 2.13 -3.72 16.46
N GLY B 233 1.87 -4.40 15.34
CA GLY B 233 0.53 -4.46 14.82
C GLY B 233 -0.26 -5.70 15.10
N THR B 234 -1.12 -6.05 14.15
CA THR B 234 -1.97 -7.22 14.31
C THR B 234 -1.83 -8.08 13.07
N LEU B 235 -1.77 -9.39 13.28
CA LEU B 235 -1.67 -10.32 12.17
C LEU B 235 -2.93 -11.15 12.21
N PHE B 236 -3.63 -11.22 11.09
CA PHE B 236 -4.84 -12.00 11.00
C PHE B 236 -4.58 -13.18 10.07
N LEU B 237 -4.69 -14.39 10.62
CA LEU B 237 -4.46 -15.60 9.83
C LEU B 237 -5.81 -16.23 9.55
N ASP B 238 -6.24 -16.18 8.30
CA ASP B 238 -7.52 -16.76 7.94
C ASP B 238 -7.31 -18.23 7.59
N GLU B 239 -8.31 -19.05 7.88
CA GLU B 239 -8.24 -20.49 7.62
C GLU B 239 -7.02 -21.09 8.33
N ILE B 240 -6.86 -20.73 9.60
CA ILE B 240 -5.74 -21.19 10.42
C ILE B 240 -5.63 -22.72 10.42
N GLY B 241 -6.76 -23.39 10.25
CA GLY B 241 -6.77 -24.84 10.20
C GLY B 241 -5.92 -25.45 9.10
N GLU B 242 -5.48 -24.64 8.13
CA GLU B 242 -4.68 -25.14 7.03
C GLU B 242 -3.18 -25.02 7.27
N LEU B 243 -2.80 -24.52 8.43
CA LEU B 243 -1.39 -24.36 8.76
C LEU B 243 -0.72 -25.74 8.79
N SER B 244 0.53 -25.80 8.35
CA SER B 244 1.23 -27.08 8.41
C SER B 244 1.50 -27.33 9.89
N LEU B 245 1.69 -28.59 10.28
CA LEU B 245 1.96 -28.92 11.67
C LEU B 245 3.25 -28.24 12.08
N GLU B 246 4.21 -28.23 11.16
CA GLU B 246 5.49 -27.59 11.38
C GLU B 246 5.23 -26.12 11.76
N ALA B 247 4.41 -25.46 10.95
CA ALA B 247 4.05 -24.04 11.15
C ALA B 247 3.27 -23.79 12.43
N GLN B 248 2.41 -24.74 12.80
CA GLN B 248 1.60 -24.60 14.00
C GLN B 248 2.48 -24.45 15.24
N ALA B 249 3.51 -25.29 15.34
CA ALA B 249 4.43 -25.26 16.47
C ALA B 249 5.16 -23.93 16.57
N LYS B 250 5.62 -23.40 15.44
CA LYS B 250 6.33 -22.12 15.46
C LYS B 250 5.39 -21.00 15.89
N LEU B 251 4.14 -21.09 15.48
CA LEU B 251 3.14 -20.07 15.80
C LEU B 251 2.82 -20.09 17.30
N LEU B 252 2.77 -21.29 17.87
CA LEU B 252 2.49 -21.42 19.29
C LEU B 252 3.59 -20.74 20.09
N ARG B 253 4.84 -20.88 19.62
CA ARG B 253 5.96 -20.28 20.31
C ARG B 253 5.80 -18.75 20.36
N VAL B 254 5.59 -18.12 19.20
CA VAL B 254 5.43 -16.67 19.14
C VAL B 254 4.30 -16.22 20.08
N ILE B 255 3.21 -16.95 20.08
CA ILE B 255 2.11 -16.61 20.97
C ILE B 255 2.55 -16.73 22.44
N GLU B 256 3.50 -17.62 22.72
CA GLU B 256 3.99 -17.83 24.08
C GLU B 256 5.09 -16.86 24.47
N SER B 257 6.09 -16.72 23.61
CA SER B 257 7.25 -15.86 23.87
C SER B 257 7.40 -14.66 22.96
N GLY B 258 6.60 -14.59 21.90
CA GLY B 258 6.72 -13.48 20.98
C GLY B 258 8.09 -13.48 20.32
N LYS B 259 8.75 -14.63 20.35
CA LYS B 259 10.08 -14.77 19.75
C LYS B 259 10.05 -15.85 18.69
N PHE B 260 10.98 -15.78 17.74
CA PHE B 260 11.01 -16.77 16.67
C PHE B 260 12.30 -16.67 15.88
N TYR B 261 12.60 -17.70 15.09
CA TYR B 261 13.79 -17.68 14.25
C TYR B 261 13.36 -17.60 12.80
N ARG B 262 14.14 -16.92 11.97
CA ARG B 262 13.84 -16.85 10.55
C ARG B 262 14.22 -18.22 10.02
N LEU B 263 13.78 -18.56 8.81
CA LEU B 263 14.17 -19.84 8.26
C LEU B 263 15.67 -19.72 8.05
N GLY B 264 16.40 -20.70 8.56
CA GLY B 264 17.84 -20.72 8.42
C GLY B 264 18.56 -19.72 9.31
N GLY B 265 17.90 -19.28 10.39
CA GLY B 265 18.54 -18.30 11.26
C GLY B 265 19.11 -18.83 12.55
N ARG B 266 19.94 -18.03 13.21
CA ARG B 266 20.53 -18.42 14.49
C ARG B 266 20.11 -17.43 15.56
N LYS B 267 19.99 -16.16 15.16
CA LYS B 267 19.58 -15.10 16.07
C LYS B 267 18.09 -15.22 16.35
N GLU B 268 17.72 -15.19 17.62
CA GLU B 268 16.31 -15.25 17.97
C GLU B 268 15.78 -13.83 17.80
N ILE B 269 14.57 -13.71 17.27
CA ILE B 269 13.98 -12.40 17.04
C ILE B 269 12.72 -12.21 17.87
N GLU B 270 12.53 -10.98 18.34
CA GLU B 270 11.35 -10.71 19.15
C GLU B 270 10.46 -9.66 18.51
N VAL B 271 9.16 -9.90 18.56
CA VAL B 271 8.20 -8.97 17.99
C VAL B 271 6.99 -8.88 18.90
N ASN B 272 6.22 -7.81 18.75
CA ASN B 272 5.03 -7.61 19.57
C ASN B 272 3.88 -7.50 18.58
N VAL B 273 3.26 -8.64 18.32
CA VAL B 273 2.15 -8.72 17.37
C VAL B 273 0.98 -9.48 17.93
N ARG B 274 -0.20 -8.87 17.87
CA ARG B 274 -1.41 -9.53 18.33
C ARG B 274 -1.82 -10.47 17.21
N ILE B 275 -2.15 -11.70 17.56
CA ILE B 275 -2.56 -12.66 16.57
C ILE B 275 -4.06 -12.93 16.64
N LEU B 276 -4.72 -12.79 15.48
CA LEU B 276 -6.16 -13.04 15.39
C LEU B 276 -6.31 -14.16 14.37
N ALA B 277 -7.15 -15.15 14.67
CA ALA B 277 -7.28 -16.27 13.77
C ALA B 277 -8.74 -16.59 13.46
N ALA B 278 -8.96 -17.11 12.27
CA ALA B 278 -10.32 -17.45 11.87
C ALA B 278 -10.35 -18.79 11.18
N THR B 279 -11.48 -19.47 11.30
CA THR B 279 -11.66 -20.76 10.66
C THR B 279 -13.15 -21.04 10.45
N ASN B 280 -13.48 -21.64 9.30
CA ASN B 280 -14.86 -21.99 9.01
C ASN B 280 -14.96 -23.53 9.09
N ARG B 281 -13.97 -24.13 9.73
CA ARG B 281 -13.95 -25.57 9.88
C ARG B 281 -14.10 -26.00 11.34
N ASN B 282 -14.09 -27.32 11.54
CA ASN B 282 -14.20 -27.93 12.87
C ASN B 282 -12.78 -28.19 13.37
N ILE B 283 -12.23 -27.28 14.16
CA ILE B 283 -10.87 -27.48 14.66
C ILE B 283 -10.81 -28.60 15.67
N LYS B 284 -11.85 -28.74 16.49
CA LYS B 284 -11.90 -29.79 17.49
C LYS B 284 -11.73 -31.14 16.81
N GLU B 285 -12.37 -31.33 15.68
CA GLU B 285 -12.24 -32.57 14.95
C GLU B 285 -10.82 -32.67 14.40
N LEU B 286 -10.26 -31.54 13.99
CA LEU B 286 -8.90 -31.50 13.45
C LEU B 286 -7.89 -31.91 14.51
N VAL B 287 -8.22 -31.66 15.77
CA VAL B 287 -7.31 -32.02 16.87
C VAL B 287 -7.37 -33.53 17.09
N LYS B 288 -8.59 -34.08 17.07
CA LYS B 288 -8.80 -35.52 17.23
C LYS B 288 -8.08 -36.28 16.13
N GLU B 289 -8.26 -35.82 14.89
CA GLU B 289 -7.66 -36.44 13.72
C GLU B 289 -6.14 -36.24 13.72
N GLY B 290 -5.63 -35.57 14.76
CA GLY B 290 -4.21 -35.33 14.85
C GLY B 290 -3.63 -34.50 13.71
N LYS B 291 -4.39 -33.54 13.23
CA LYS B 291 -3.92 -32.68 12.15
C LYS B 291 -3.71 -31.27 12.71
N PHE B 292 -4.29 -31.02 13.88
CA PHE B 292 -4.15 -29.72 14.52
C PHE B 292 -3.76 -29.85 15.99
N ARG B 293 -2.58 -29.31 16.32
CA ARG B 293 -2.01 -29.30 17.67
C ARG B 293 -3.07 -28.92 18.71
N GLU B 294 -3.24 -29.73 19.75
CA GLU B 294 -4.23 -29.40 20.77
C GLU B 294 -3.84 -28.19 21.61
N ASP B 295 -2.55 -28.04 21.88
CA ASP B 295 -2.09 -26.91 22.67
C ASP B 295 -2.46 -25.60 21.97
N LEU B 296 -2.10 -25.48 20.70
CA LEU B 296 -2.42 -24.28 19.93
C LEU B 296 -3.92 -24.06 20.00
N TYR B 297 -4.69 -25.13 19.76
CA TYR B 297 -6.14 -24.98 19.82
C TYR B 297 -6.60 -24.38 21.14
N TYR B 298 -5.94 -24.77 22.23
CA TYR B 298 -6.31 -24.23 23.54
C TYR B 298 -5.94 -22.75 23.70
N ARG B 299 -4.73 -22.37 23.28
CA ARG B 299 -4.30 -20.98 23.38
C ARG B 299 -5.12 -20.01 22.50
N LEU B 300 -5.26 -20.33 21.22
CA LEU B 300 -6.04 -19.47 20.32
C LEU B 300 -7.47 -19.39 20.83
N GLY B 301 -7.96 -20.50 21.34
CA GLY B 301 -9.32 -20.57 21.84
C GLY B 301 -9.62 -19.94 23.18
N VAL B 302 -8.64 -19.25 23.78
CA VAL B 302 -8.87 -18.59 25.06
C VAL B 302 -10.05 -17.65 24.86
N ILE B 303 -9.84 -16.61 24.06
CA ILE B 303 -10.92 -15.68 23.77
C ILE B 303 -11.48 -16.19 22.44
N GLU B 304 -12.79 -16.42 22.41
CA GLU B 304 -13.39 -16.92 21.19
C GLU B 304 -14.66 -16.19 20.80
N ILE B 305 -14.73 -15.78 19.55
CA ILE B 305 -15.90 -15.09 19.02
C ILE B 305 -16.55 -15.98 17.97
N GLU B 306 -17.84 -16.24 18.16
CA GLU B 306 -18.59 -17.07 17.25
C GLU B 306 -19.58 -16.23 16.47
N ILE B 307 -19.42 -16.20 15.15
CA ILE B 307 -20.34 -15.42 14.33
C ILE B 307 -21.38 -16.35 13.71
N PRO B 308 -22.66 -16.11 14.00
CA PRO B 308 -23.77 -16.91 13.49
C PRO B 308 -24.12 -16.59 12.03
N PRO B 309 -24.75 -17.54 11.32
CA PRO B 309 -25.14 -17.40 9.92
C PRO B 309 -26.09 -16.22 9.72
N LEU B 310 -26.33 -15.85 8.47
CA LEU B 310 -27.24 -14.76 8.17
C LEU B 310 -28.65 -15.25 8.49
N ARG B 311 -28.87 -16.55 8.34
CA ARG B 311 -30.17 -17.16 8.63
C ARG B 311 -30.60 -16.84 10.06
N GLU B 312 -29.64 -16.88 10.97
CA GLU B 312 -29.89 -16.64 12.38
C GLU B 312 -29.83 -15.18 12.79
N ARG B 313 -29.91 -14.28 11.81
CA ARG B 313 -29.89 -12.86 12.10
C ARG B 313 -30.52 -12.08 10.97
N LYS B 314 -31.81 -12.31 10.78
CA LYS B 314 -32.58 -11.64 9.73
C LYS B 314 -32.64 -10.13 9.94
N GLU B 315 -32.32 -9.68 11.14
CA GLU B 315 -32.34 -8.24 11.41
C GLU B 315 -31.23 -7.57 10.64
N ASP B 316 -30.22 -8.35 10.24
CA ASP B 316 -29.07 -7.85 9.49
C ASP B 316 -29.30 -7.78 7.96
N ILE B 317 -29.95 -8.82 7.42
CA ILE B 317 -30.22 -8.92 5.99
C ILE B 317 -30.52 -7.62 5.25
N ILE B 318 -31.72 -7.07 5.42
CA ILE B 318 -32.12 -5.84 4.74
C ILE B 318 -31.11 -4.70 4.87
N PRO B 319 -30.63 -4.39 6.10
CA PRO B 319 -29.66 -3.30 6.27
C PRO B 319 -28.45 -3.50 5.37
N LEU B 320 -27.87 -4.70 5.43
CA LEU B 320 -26.72 -5.06 4.62
C LEU B 320 -27.04 -4.93 3.13
N ALA B 321 -28.23 -5.37 2.72
CA ALA B 321 -28.63 -5.28 1.32
C ALA B 321 -28.64 -3.85 0.83
N ASN B 322 -29.18 -2.96 1.66
CA ASN B 322 -29.25 -1.54 1.32
C ASN B 322 -27.85 -0.97 1.20
N HIS B 323 -26.97 -1.41 2.09
CA HIS B 323 -25.58 -0.96 2.11
C HIS B 323 -24.94 -1.33 0.77
N PHE B 324 -25.08 -2.59 0.37
CA PHE B 324 -24.52 -3.06 -0.89
C PHE B 324 -25.18 -2.38 -2.08
N LEU B 325 -26.50 -2.18 -1.99
CA LEU B 325 -27.24 -1.52 -3.06
C LEU B 325 -26.53 -0.22 -3.39
N LYS B 326 -26.42 0.65 -2.39
CA LYS B 326 -25.78 1.95 -2.56
C LYS B 326 -24.36 1.80 -3.09
N LYS B 327 -23.55 1.01 -2.37
CA LYS B 327 -22.16 0.78 -2.77
C LYS B 327 -22.02 0.51 -4.25
N PHE B 328 -22.68 -0.54 -4.72
CA PHE B 328 -22.60 -0.92 -6.13
C PHE B 328 -23.31 0.06 -7.05
N SER B 329 -24.38 0.71 -6.57
CA SER B 329 -25.09 1.68 -7.39
C SER B 329 -24.09 2.74 -7.83
N ARG B 330 -23.11 3.00 -6.97
CA ARG B 330 -22.07 3.98 -7.25
C ARG B 330 -21.00 3.42 -8.19
N LYS B 331 -20.34 2.35 -7.75
CA LYS B 331 -19.28 1.71 -8.53
C LYS B 331 -19.69 1.50 -9.99
N TYR B 332 -20.96 1.18 -10.22
CA TYR B 332 -21.41 0.92 -11.57
C TYR B 332 -22.29 1.95 -12.27
N ALA B 333 -22.27 3.19 -11.79
CA ALA B 333 -23.04 4.27 -12.42
C ALA B 333 -24.45 3.83 -12.76
N LYS B 334 -25.29 3.65 -11.74
CA LYS B 334 -26.66 3.21 -11.97
C LYS B 334 -27.63 3.95 -11.05
N GLU B 335 -28.90 3.93 -11.42
CA GLU B 335 -29.95 4.61 -10.67
C GLU B 335 -30.85 3.73 -9.81
N VAL B 336 -30.26 2.85 -9.00
CA VAL B 336 -31.07 2.00 -8.13
C VAL B 336 -31.14 2.66 -6.77
N GLU B 337 -32.36 2.97 -6.32
CA GLU B 337 -32.56 3.63 -5.03
C GLU B 337 -32.70 2.60 -3.91
N GLY B 338 -33.53 1.60 -4.13
CA GLY B 338 -33.75 0.58 -3.11
C GLY B 338 -34.43 -0.67 -3.63
N PHE B 339 -35.01 -1.44 -2.71
CA PHE B 339 -35.68 -2.68 -3.09
C PHE B 339 -37.20 -2.62 -3.02
N THR B 340 -37.84 -3.32 -3.94
CA THR B 340 -39.29 -3.40 -3.97
C THR B 340 -39.71 -4.00 -2.64
N LYS B 341 -40.95 -3.77 -2.24
CA LYS B 341 -41.46 -4.30 -0.99
C LYS B 341 -41.42 -5.83 -0.99
N SER B 342 -41.75 -6.43 -2.13
CA SER B 342 -41.74 -7.89 -2.27
C SER B 342 -40.32 -8.41 -2.36
N ALA B 343 -39.47 -7.66 -3.06
CA ALA B 343 -38.08 -8.04 -3.23
C ALA B 343 -37.42 -8.20 -1.86
N GLN B 344 -37.81 -7.34 -0.92
CA GLN B 344 -37.27 -7.40 0.44
C GLN B 344 -37.65 -8.71 1.08
N GLU B 345 -38.87 -9.16 0.80
CA GLU B 345 -39.38 -10.41 1.37
C GLU B 345 -38.53 -11.59 0.92
N LEU B 346 -38.21 -11.64 -0.37
CA LEU B 346 -37.40 -12.71 -0.91
C LEU B 346 -36.07 -12.75 -0.15
N LEU B 347 -35.45 -11.57 0.01
CA LEU B 347 -34.18 -11.48 0.70
C LEU B 347 -34.28 -12.12 2.09
N LEU B 348 -35.33 -11.75 2.82
CA LEU B 348 -35.54 -12.28 4.16
C LEU B 348 -35.84 -13.76 4.17
N SER B 349 -36.55 -14.23 3.15
CA SER B 349 -36.91 -15.65 3.07
C SER B 349 -35.76 -16.59 2.71
N TYR B 350 -34.80 -16.11 1.93
CA TYR B 350 -33.67 -16.94 1.52
C TYR B 350 -32.77 -17.33 2.70
N PRO B 351 -32.12 -18.50 2.61
CA PRO B 351 -31.22 -19.02 3.65
C PRO B 351 -29.80 -18.47 3.60
N TRP B 352 -29.42 -17.91 2.46
CA TRP B 352 -28.07 -17.34 2.31
C TRP B 352 -27.02 -18.30 2.84
N TYR B 353 -26.89 -19.44 2.19
CA TYR B 353 -25.92 -20.42 2.61
C TYR B 353 -24.52 -19.83 2.46
N GLY B 354 -24.39 -18.85 1.57
CA GLY B 354 -23.11 -18.19 1.36
C GLY B 354 -22.96 -17.05 2.35
N ASN B 355 -24.05 -16.76 3.05
CA ASN B 355 -24.11 -15.69 4.05
C ASN B 355 -23.92 -14.30 3.46
N VAL B 356 -23.26 -13.43 4.19
CA VAL B 356 -23.08 -12.07 3.70
C VAL B 356 -22.34 -11.98 2.38
N ARG B 357 -21.31 -12.82 2.19
CA ARG B 357 -20.55 -12.80 0.95
C ARG B 357 -21.50 -13.13 -0.18
N GLU B 358 -22.44 -14.02 0.07
CA GLU B 358 -23.38 -14.38 -0.98
C GLU B 358 -24.33 -13.19 -1.18
N LEU B 359 -24.81 -12.64 -0.08
CA LEU B 359 -25.71 -11.50 -0.12
C LEU B 359 -25.07 -10.38 -0.95
N LYS B 360 -23.76 -10.23 -0.81
CA LYS B 360 -23.04 -9.19 -1.53
C LYS B 360 -23.02 -9.45 -3.03
N ASN B 361 -22.63 -10.66 -3.40
CA ASN B 361 -22.56 -11.02 -4.82
C ASN B 361 -23.94 -10.90 -5.48
N VAL B 362 -24.98 -11.39 -4.80
CA VAL B 362 -26.33 -11.31 -5.36
C VAL B 362 -26.74 -9.86 -5.65
N ILE B 363 -26.61 -8.97 -4.67
CA ILE B 363 -26.97 -7.57 -4.91
C ILE B 363 -26.11 -6.93 -5.98
N GLU B 364 -24.83 -7.26 -6.00
CA GLU B 364 -23.96 -6.68 -7.01
C GLU B 364 -24.45 -7.11 -8.39
N ARG B 365 -24.85 -8.36 -8.54
CA ARG B 365 -25.34 -8.77 -9.85
C ARG B 365 -26.69 -8.11 -10.13
N ALA B 366 -27.57 -8.09 -9.13
CA ALA B 366 -28.87 -7.47 -9.29
C ALA B 366 -28.71 -6.02 -9.75
N VAL B 367 -27.77 -5.31 -9.14
CA VAL B 367 -27.52 -3.91 -9.49
C VAL B 367 -26.88 -3.76 -10.87
N LEU B 368 -25.98 -4.68 -11.22
CA LEU B 368 -25.34 -4.60 -12.53
C LEU B 368 -26.32 -4.82 -13.68
N PHE B 369 -27.38 -5.57 -13.42
CA PHE B 369 -28.38 -5.86 -14.45
C PHE B 369 -29.65 -5.02 -14.28
N SER B 370 -29.62 -4.10 -13.33
CA SER B 370 -30.79 -3.26 -13.07
C SER B 370 -31.04 -2.20 -14.14
N GLU B 371 -32.32 -2.01 -14.46
CA GLU B 371 -32.75 -1.03 -15.47
C GLU B 371 -33.42 0.18 -14.83
N GLY B 372 -34.39 -0.09 -13.96
CA GLY B 372 -35.12 0.98 -13.31
C GLY B 372 -34.50 1.60 -12.08
N LYS B 373 -35.35 2.19 -11.25
CA LYS B 373 -34.93 2.86 -10.03
C LYS B 373 -35.00 1.88 -8.86
N PHE B 374 -35.60 0.73 -9.09
CA PHE B 374 -35.75 -0.28 -8.05
C PHE B 374 -35.36 -1.68 -8.51
N ILE B 375 -35.30 -2.59 -7.55
CA ILE B 375 -34.98 -3.98 -7.82
C ILE B 375 -36.18 -4.80 -7.38
N ASP B 376 -36.83 -5.45 -8.36
CA ASP B 376 -38.01 -6.25 -8.12
C ASP B 376 -37.69 -7.62 -7.54
N ARG B 377 -38.73 -8.36 -7.19
CA ARG B 377 -38.54 -9.71 -6.67
C ARG B 377 -38.10 -10.52 -7.88
N GLY B 378 -38.49 -10.04 -9.06
CA GLY B 378 -38.15 -10.70 -10.30
C GLY B 378 -36.68 -10.59 -10.62
N GLU B 379 -36.04 -9.51 -10.19
CA GLU B 379 -34.62 -9.32 -10.45
C GLU B 379 -33.78 -10.16 -9.49
N LEU B 380 -34.41 -10.62 -8.42
CA LEU B 380 -33.74 -11.46 -7.43
C LEU B 380 -34.10 -12.91 -7.75
N SER B 381 -35.05 -13.05 -8.67
CA SER B 381 -35.52 -14.37 -9.11
C SER B 381 -34.38 -15.13 -9.77
N CYS B 382 -33.95 -14.61 -10.91
CA CYS B 382 -32.87 -15.21 -11.68
C CYS B 382 -31.59 -15.34 -10.85
N LEU B 383 -31.45 -14.48 -9.85
CA LEU B 383 -30.26 -14.45 -9.01
C LEU B 383 -30.21 -15.36 -7.79
N VAL B 384 -31.36 -15.68 -7.19
CA VAL B 384 -31.33 -16.49 -5.97
C VAL B 384 -32.39 -17.58 -5.84
N ASN B 385 -33.59 -17.18 -5.40
CA ASN B 385 -34.70 -18.10 -5.17
C ASN B 385 -35.74 -18.17 -6.28
MG MG C . -16.10 -1.64 -15.39
P PO4 D . 13.82 -5.33 11.16
O1 PO4 D . 13.40 -5.72 9.79
O2 PO4 D . 12.68 -4.69 11.86
O3 PO4 D . 14.95 -4.37 11.07
O4 PO4 D . 14.23 -6.54 11.91
P PO4 E . -5.29 23.71 -15.38
O1 PO4 E . -4.21 24.60 -15.89
O2 PO4 E . -6.20 24.50 -14.52
O3 PO4 E . -4.68 22.61 -14.57
O4 PO4 E . -6.06 23.14 -16.53
P PO4 F . -25.43 -33.03 -13.88
O1 PO4 F . -24.26 -33.89 -14.22
O2 PO4 F . -26.55 -33.35 -14.80
O3 PO4 F . -25.04 -31.61 -14.03
O4 PO4 F . -25.84 -33.28 -12.47
PB ADP G . -13.66 -4.07 -16.48
O1B ADP G . -13.85 -4.25 -17.96
O2B ADP G . -12.45 -3.05 -16.20
O3B ADP G . -14.91 -3.61 -15.84
PA ADP G . -12.06 -5.72 -14.76
O1A ADP G . -10.73 -5.66 -15.37
O2A ADP G . -12.16 -4.75 -13.67
O3A ADP G . -13.19 -5.41 -15.81
O5' ADP G . -12.37 -7.07 -14.07
C5' ADP G . -13.46 -7.97 -14.19
C4' ADP G . -13.11 -9.08 -13.16
O4' ADP G . -12.65 -10.17 -13.94
C3' ADP G . -11.93 -8.74 -12.21
O3' ADP G . -12.16 -9.17 -10.87
C2' ADP G . -10.69 -9.39 -12.86
O2' ADP G . -9.66 -9.73 -11.93
C1' ADP G . -11.31 -10.55 -13.61
N9 ADP G . -10.64 -10.85 -14.93
C8 ADP G . -10.79 -10.11 -16.05
N7 ADP G . -10.08 -10.64 -17.02
C5 ADP G . -9.46 -11.69 -16.56
C6 ADP G . -8.59 -12.64 -17.09
N6 ADP G . -8.23 -12.56 -18.38
N1 ADP G . -8.10 -13.67 -16.32
C2 ADP G . -8.44 -13.79 -14.99
N3 ADP G . -9.29 -12.88 -14.45
C4 ADP G . -9.82 -11.84 -15.20
P PO4 H . 5.20 16.02 -5.27
O1 PO4 H . 6.42 15.36 -5.80
O2 PO4 H . 4.63 16.91 -6.32
O3 PO4 H . 5.56 16.83 -4.09
O4 PO4 H . 4.19 14.99 -4.89
PB ADP I . -15.59 -14.63 6.07
O1B ADP I . -16.40 -15.30 7.13
O2B ADP I . -14.16 -14.22 6.63
O3B ADP I . -15.44 -15.51 4.87
PA ADP I . -15.74 -11.85 5.36
O1A ADP I . -15.57 -11.11 6.61
O2A ADP I . -14.46 -11.92 4.65
O3A ADP I . -16.29 -13.29 5.65
O5' ADP I . -16.70 -11.12 4.37
C5' ADP I . -17.90 -11.52 3.72
C4' ADP I . -18.26 -10.26 2.85
O4' ADP I . -19.33 -9.63 3.52
C3' ADP I . -17.13 -9.19 2.77
O3' ADP I . -16.98 -8.62 1.44
C2' ADP I . -17.49 -8.13 3.80
O2' ADP I . -16.99 -6.81 3.50
C1' ADP I . -19.00 -8.26 3.92
N9 ADP I . -19.51 -8.08 5.32
C8 ADP I . -19.52 -9.05 6.28
N7 ADP I . -20.03 -8.57 7.39
C5 ADP I . -20.35 -7.32 7.19
C6 ADP I . -20.94 -6.29 7.94
N6 ADP I . -21.28 -6.52 9.21
N1 ADP I . -21.14 -5.04 7.39
C2 ADP I . -20.81 -4.75 6.10
N3 ADP I . -20.26 -5.74 5.34
C4 ADP I . -20.02 -7.01 5.83
C1 GOL J . -7.91 -13.06 3.73
O1 GOL J . -8.81 -14.13 4.51
C2 GOL J . -7.75 -13.03 2.34
O2 GOL J . -8.78 -13.69 1.74
C3 GOL J . -6.74 -12.45 2.06
O3 GOL J . -5.40 -11.66 2.23
C1 GOL K . -0.20 30.55 -1.06
O1 GOL K . -0.91 29.58 0.01
C2 GOL K . -0.51 31.90 -1.29
O2 GOL K . -1.52 32.29 -0.47
C3 GOL K . 0.19 32.37 -2.13
O3 GOL K . 1.30 32.53 -3.24
#